data_6Q4Y
#
_entry.id   6Q4Y
#
_cell.length_a   55.237
_cell.length_b   97.138
_cell.length_c   105.550
_cell.angle_alpha   90.00
_cell.angle_beta   90.00
_cell.angle_gamma   90.00
#
_symmetry.space_group_name_H-M   'P 21 21 21'
#
loop_
_entity.id
_entity.type
_entity.pdbx_description
1 polymer 'LmxM MPT-2'
2 non-polymer beta-D-mannopyranose
3 non-polymer alpha-D-mannopyranose
4 water water
#
_entity_poly.entity_id   1
_entity_poly.type   'polypeptide(L)'
_entity_poly.pdbx_seq_one_letter_code
;MGSSHHHHHHSSGLVPRGSHMGLLNTKPCSLIPAKEAFEREKKIYGKAILSFDGVNGYDVYNCSIPFTYDGKTYIFGRVE
KKDEWVHSNSILFEKVGENRYRRHPASITYNLEDPFVVKIHGEMVFGGTHVTKNGGKVSDYRCEFYHGTPFNLKYFSSGP
SKMKDIRLVELADGKIGIFTHFRTEGSCLTGFTTIDKVEDLTVEVINSAKLINHRPFGDAWGGPSQVYLLSSGLLGCISH
HGYLLDQKDGIQLRIYACTSFVFDPATYEVYNFKIIGTKGCFPPCEPKLPHLADCAFVSGIEMRNDGKCNLYSGIGDVAE
GYIVIDYPFEGYGKIVSDVAF
;
_entity_poly.pdbx_strand_id   A,B
#
loop_
_chem_comp.id
_chem_comp.type
_chem_comp.name
_chem_comp.formula
BMA D-saccharide, beta linking beta-D-mannopyranose 'C6 H12 O6'
MAN D-saccharide, alpha linking alpha-D-mannopyranose 'C6 H12 O6'
#
# COMPACT_ATOMS: atom_id res chain seq x y z
N SER A 19 35.93 3.13 -26.13
CA SER A 19 34.43 3.30 -26.02
C SER A 19 33.84 3.73 -27.37
N HIS A 20 32.78 3.05 -27.83
CA HIS A 20 32.10 3.35 -29.13
C HIS A 20 31.25 4.61 -29.03
N MET A 21 30.83 4.97 -27.81
CA MET A 21 30.11 6.24 -27.51
C MET A 21 31.11 7.37 -27.25
N GLY A 22 32.42 7.07 -27.28
CA GLY A 22 33.49 8.04 -26.96
C GLY A 22 33.20 8.75 -25.65
N LEU A 23 33.15 10.07 -25.66
CA LEU A 23 32.97 10.90 -24.43
C LEU A 23 31.50 10.95 -24.03
N LEU A 24 30.58 10.69 -24.97
CA LEU A 24 29.12 10.60 -24.67
C LEU A 24 28.91 9.68 -23.47
N ASN A 25 29.61 8.54 -23.46
CA ASN A 25 29.67 7.58 -22.33
C ASN A 25 30.94 6.77 -22.48
N THR A 26 31.87 6.90 -21.53
CA THR A 26 33.21 6.24 -21.60
C THR A 26 33.10 4.80 -21.09
N LYS A 27 31.98 4.45 -20.45
CA LYS A 27 31.67 3.05 -20.04
C LYS A 27 30.29 2.69 -20.58
N PRO A 28 30.13 2.52 -21.92
CA PRO A 28 28.83 2.16 -22.49
C PRO A 28 28.44 0.79 -21.93
N CYS A 29 27.17 0.64 -21.59
CA CYS A 29 26.67 -0.65 -21.06
C CYS A 29 26.92 -1.71 -22.15
N SER A 30 27.41 -2.89 -21.74
CA SER A 30 27.74 -4.00 -22.68
C SER A 30 26.46 -4.49 -23.32
N LEU A 31 25.29 -4.11 -22.79
CA LEU A 31 23.99 -4.58 -23.31
C LEU A 31 23.62 -3.85 -24.62
N ILE A 32 24.25 -2.73 -24.94
CA ILE A 32 23.85 -1.87 -26.09
C ILE A 32 23.92 -2.65 -27.41
N PRO A 33 25.05 -3.34 -27.72
CA PRO A 33 25.12 -4.14 -28.95
C PRO A 33 24.06 -5.24 -29.01
N ALA A 34 23.79 -5.93 -27.89
CA ALA A 34 22.75 -6.99 -27.80
C ALA A 34 21.39 -6.36 -28.16
N LYS A 35 21.12 -5.18 -27.64
CA LYS A 35 19.81 -4.49 -27.82
C LYS A 35 19.65 -4.14 -29.31
N GLU A 36 20.68 -3.55 -29.93
CA GLU A 36 20.64 -3.16 -31.37
CA GLU A 36 20.61 -3.16 -31.36
C GLU A 36 20.52 -4.44 -32.20
N ALA A 37 21.25 -5.51 -31.82
CA ALA A 37 21.24 -6.76 -32.62
C ALA A 37 19.85 -7.39 -32.56
N PHE A 38 19.24 -7.39 -31.38
CA PHE A 38 17.87 -7.92 -31.20
C PHE A 38 16.92 -7.14 -32.12
N GLU A 39 17.09 -5.83 -32.19
CA GLU A 39 16.17 -4.98 -32.97
C GLU A 39 16.38 -5.25 -34.46
N ARG A 40 17.57 -5.69 -34.91
CA ARG A 40 17.79 -6.11 -36.32
C ARG A 40 17.18 -7.48 -36.60
N GLU A 41 17.22 -8.43 -35.65
CA GLU A 41 17.04 -9.88 -35.92
C GLU A 41 15.76 -10.46 -35.29
N LYS A 42 15.00 -9.68 -34.51
CA LYS A 42 13.82 -10.22 -33.77
C LYS A 42 12.81 -10.79 -34.74
N LYS A 43 12.08 -11.82 -34.31
CA LYS A 43 10.86 -12.33 -34.98
C LYS A 43 9.67 -12.03 -34.06
N ILE A 44 8.75 -11.19 -34.52
CA ILE A 44 7.50 -10.80 -33.80
C ILE A 44 6.33 -11.31 -34.65
N TYR A 45 5.41 -12.07 -34.08
CA TYR A 45 4.32 -12.73 -34.82
C TYR A 45 3.01 -11.97 -34.58
N GLY A 46 3.01 -10.92 -33.77
CA GLY A 46 1.82 -10.15 -33.41
C GLY A 46 2.10 -9.25 -32.23
N LYS A 47 1.20 -8.32 -31.94
CA LYS A 47 1.37 -7.36 -30.83
C LYS A 47 0.04 -6.72 -30.53
N ALA A 48 -0.10 -6.18 -29.34
CA ALA A 48 -1.30 -5.44 -28.93
C ALA A 48 -0.98 -4.60 -27.69
N ILE A 49 -1.73 -3.51 -27.53
CA ILE A 49 -1.79 -2.76 -26.26
C ILE A 49 -3.11 -3.15 -25.59
N LEU A 50 -3.06 -3.42 -24.31
CA LEU A 50 -4.27 -3.78 -23.53
C LEU A 50 -5.08 -2.52 -23.22
N SER A 51 -6.39 -2.69 -23.19
CA SER A 51 -7.36 -1.65 -22.77
C SER A 51 -7.92 -2.05 -21.41
N PHE A 52 -8.01 -1.07 -20.53
CA PHE A 52 -8.47 -1.24 -19.14
C PHE A 52 -9.67 -0.34 -18.88
N ASP A 53 -10.78 -0.93 -18.49
CA ASP A 53 -12.02 -0.20 -18.11
CA ASP A 53 -12.03 -0.19 -18.11
C ASP A 53 -12.09 -0.08 -16.58
N GLY A 54 -12.81 0.92 -16.10
CA GLY A 54 -13.16 1.10 -14.67
C GLY A 54 -12.11 1.84 -13.88
N VAL A 55 -11.15 2.53 -14.51
CA VAL A 55 -10.15 3.32 -13.77
C VAL A 55 -10.10 4.74 -14.33
N ASN A 56 -11.26 5.31 -14.71
CA ASN A 56 -11.45 6.77 -14.87
C ASN A 56 -10.41 7.33 -15.84
N GLY A 57 -10.08 6.60 -16.89
CA GLY A 57 -9.07 7.06 -17.87
C GLY A 57 -7.62 7.00 -17.39
N TYR A 58 -7.31 6.67 -16.11
CA TYR A 58 -5.93 6.53 -15.57
C TYR A 58 -5.13 5.61 -16.48
N ASP A 59 -3.81 5.74 -16.48
CA ASP A 59 -2.90 4.81 -17.18
C ASP A 59 -2.79 3.51 -16.38
N VAL A 60 -2.63 2.39 -17.08
CA VAL A 60 -2.38 1.08 -16.42
C VAL A 60 -1.11 0.50 -17.05
N TYR A 61 -0.12 0.10 -16.25
CA TYR A 61 1.16 -0.40 -16.77
C TYR A 61 1.84 -1.32 -15.76
N ASN A 62 3.00 -1.82 -16.14
CA ASN A 62 3.86 -2.70 -15.33
C ASN A 62 3.00 -3.74 -14.61
N CYS A 63 2.22 -4.49 -15.36
CA CYS A 63 1.27 -5.48 -14.82
C CYS A 63 1.99 -6.73 -14.30
N SER A 64 1.29 -7.50 -13.49
CA SER A 64 1.60 -8.93 -13.29
C SER A 64 1.45 -9.66 -14.65
N ILE A 65 1.86 -10.91 -14.72
CA ILE A 65 1.37 -11.77 -15.83
C ILE A 65 -0.10 -12.04 -15.57
N PRO A 66 -0.85 -12.40 -16.63
CA PRO A 66 -2.22 -12.88 -16.47
C PRO A 66 -2.22 -14.19 -15.70
N PHE A 67 -3.34 -14.49 -15.06
CA PHE A 67 -3.53 -15.75 -14.30
C PHE A 67 -5.01 -16.09 -14.38
N THR A 68 -5.35 -17.32 -14.01
CA THR A 68 -6.77 -17.77 -14.01
C THR A 68 -7.19 -18.10 -12.59
N TYR A 69 -8.48 -17.94 -12.36
CA TYR A 69 -9.15 -18.22 -11.08
C TYR A 69 -10.66 -18.33 -11.34
N ASP A 70 -11.29 -19.41 -10.87
CA ASP A 70 -12.78 -19.51 -10.87
C ASP A 70 -13.28 -19.40 -12.31
N GLY A 71 -12.55 -19.98 -13.27
CA GLY A 71 -12.94 -20.04 -14.68
C GLY A 71 -12.84 -18.71 -15.39
N LYS A 72 -12.10 -17.73 -14.84
CA LYS A 72 -11.88 -16.43 -15.54
C LYS A 72 -10.38 -16.10 -15.58
N THR A 73 -10.02 -15.11 -16.38
CA THR A 73 -8.63 -14.61 -16.49
C THR A 73 -8.58 -13.25 -15.82
N TYR A 74 -7.48 -13.01 -15.10
CA TYR A 74 -7.20 -11.77 -14.35
C TYR A 74 -5.79 -11.28 -14.67
N ILE A 75 -5.57 -10.00 -14.37
CA ILE A 75 -4.22 -9.40 -14.31
C ILE A 75 -4.24 -8.32 -13.24
N PHE A 76 -3.13 -8.13 -12.53
CA PHE A 76 -2.96 -6.95 -11.65
C PHE A 76 -2.29 -5.86 -12.48
N GLY A 77 -2.78 -4.64 -12.38
CA GLY A 77 -2.11 -3.50 -13.04
C GLY A 77 -1.76 -2.39 -12.08
N ARG A 78 -0.67 -1.71 -12.42
CA ARG A 78 -0.21 -0.48 -11.75
C ARG A 78 -0.99 0.68 -12.38
N VAL A 79 -1.77 1.36 -11.56
CA VAL A 79 -2.78 2.36 -12.01
C VAL A 79 -2.31 3.74 -11.53
N GLU A 80 -2.12 4.67 -12.46
CA GLU A 80 -1.53 6.00 -12.14
C GLU A 80 -1.96 7.00 -13.21
N LYS A 81 -2.28 8.21 -12.81
CA LYS A 81 -2.64 9.29 -13.75
C LYS A 81 -1.37 9.64 -14.53
N LYS A 82 -1.52 9.90 -15.81
CA LYS A 82 -0.38 10.11 -16.73
C LYS A 82 0.47 11.26 -16.22
N ASP A 83 -0.13 12.29 -15.64
CA ASP A 83 0.60 13.53 -15.26
C ASP A 83 0.90 13.50 -13.75
N GLU A 84 0.77 12.36 -13.09
CA GLU A 84 1.13 12.20 -11.67
C GLU A 84 2.29 11.22 -11.55
N TRP A 85 3.19 11.48 -10.62
CA TRP A 85 4.44 10.70 -10.41
CA TRP A 85 4.43 10.68 -10.41
C TRP A 85 4.44 10.17 -8.97
N VAL A 86 4.65 8.88 -8.82
CA VAL A 86 4.66 8.21 -7.49
C VAL A 86 3.27 8.36 -6.84
N HIS A 87 2.22 8.10 -7.61
CA HIS A 87 0.81 8.09 -7.12
C HIS A 87 0.09 6.84 -7.65
N SER A 88 0.70 5.67 -7.49
CA SER A 88 0.21 4.40 -8.07
C SER A 88 -0.60 3.63 -7.02
N ASN A 89 -1.55 2.86 -7.50
CA ASN A 89 -2.20 1.75 -6.75
C ASN A 89 -2.22 0.56 -7.68
N SER A 90 -2.22 -0.64 -7.12
CA SER A 90 -2.32 -1.91 -7.88
C SER A 90 -3.75 -2.42 -7.74
N ILE A 91 -4.37 -2.67 -8.89
CA ILE A 91 -5.79 -3.03 -9.01
CA ILE A 91 -5.81 -3.01 -9.03
C ILE A 91 -5.90 -4.37 -9.74
N LEU A 92 -6.81 -5.22 -9.26
CA LEU A 92 -7.14 -6.49 -9.92
C LEU A 92 -8.15 -6.24 -11.05
N PHE A 93 -7.80 -6.66 -12.25
CA PHE A 93 -8.65 -6.53 -13.45
C PHE A 93 -9.06 -7.93 -13.93
N GLU A 94 -10.30 -8.05 -14.39
CA GLU A 94 -10.82 -9.30 -14.99
C GLU A 94 -10.86 -9.12 -16.51
N LYS A 95 -10.48 -10.16 -17.24
CA LYS A 95 -10.47 -10.13 -18.71
C LYS A 95 -11.91 -10.08 -19.20
N VAL A 96 -12.17 -9.15 -20.09
CA VAL A 96 -13.51 -8.84 -20.69
C VAL A 96 -13.56 -9.45 -22.10
N GLY A 97 -12.49 -9.25 -22.83
CA GLY A 97 -12.41 -9.66 -24.23
C GLY A 97 -10.99 -9.66 -24.68
N GLU A 98 -10.79 -9.83 -25.97
CA GLU A 98 -9.43 -9.79 -26.54
C GLU A 98 -8.85 -8.42 -26.18
N ASN A 99 -7.70 -8.43 -25.50
CA ASN A 99 -6.85 -7.26 -25.21
C ASN A 99 -7.57 -6.30 -24.27
N ARG A 100 -8.49 -6.80 -23.47
CA ARG A 100 -9.41 -5.91 -22.73
C ARG A 100 -9.73 -6.47 -21.35
N TYR A 101 -9.56 -5.63 -20.33
CA TYR A 101 -9.73 -5.97 -18.90
C TYR A 101 -10.54 -4.84 -18.24
N ARG A 102 -11.24 -5.18 -17.16
CA ARG A 102 -11.99 -4.18 -16.37
C ARG A 102 -11.65 -4.35 -14.90
N ARG A 103 -11.66 -3.24 -14.15
CA ARG A 103 -11.38 -3.30 -12.70
C ARG A 103 -12.44 -4.22 -12.12
N HIS A 104 -12.03 -5.21 -11.32
CA HIS A 104 -13.01 -6.07 -10.61
C HIS A 104 -13.44 -5.39 -9.31
N PRO A 105 -14.71 -4.95 -9.19
CA PRO A 105 -15.14 -4.14 -8.05
C PRO A 105 -15.12 -4.86 -6.68
N ALA A 106 -15.15 -6.17 -6.66
CA ALA A 106 -15.18 -6.91 -5.37
C ALA A 106 -13.79 -6.83 -4.71
N SER A 107 -12.71 -6.86 -5.51
CA SER A 107 -11.33 -6.96 -4.99
C SER A 107 -10.98 -5.69 -4.21
N ILE A 108 -10.20 -5.84 -3.15
CA ILE A 108 -9.53 -4.65 -2.57
C ILE A 108 -8.45 -4.22 -3.57
N THR A 109 -7.93 -3.03 -3.34
CA THR A 109 -6.77 -2.48 -4.08
C THR A 109 -5.58 -2.48 -3.14
N TYR A 110 -4.39 -2.38 -3.71
CA TYR A 110 -3.11 -2.45 -2.96
C TYR A 110 -2.35 -1.17 -3.27
N ASN A 111 -1.82 -0.56 -2.21
CA ASN A 111 -1.11 0.74 -2.30
C ASN A 111 0.34 0.40 -2.69
N LEU A 112 0.51 -0.10 -3.90
CA LEU A 112 1.79 -0.65 -4.41
C LEU A 112 1.98 -0.27 -5.86
N GLU A 113 3.23 -0.23 -6.26
CA GLU A 113 3.67 -0.19 -7.67
C GLU A 113 4.07 -1.60 -8.14
N ASP A 114 4.04 -1.83 -9.45
CA ASP A 114 4.71 -2.97 -10.12
C ASP A 114 4.30 -4.29 -9.47
N PRO A 115 2.99 -4.62 -9.53
CA PRO A 115 2.49 -5.86 -8.93
C PRO A 115 3.02 -7.10 -9.67
N PHE A 116 3.19 -8.20 -8.97
CA PHE A 116 3.68 -9.44 -9.60
C PHE A 116 3.07 -10.61 -8.84
N VAL A 117 2.86 -11.73 -9.53
CA VAL A 117 2.22 -12.92 -8.90
C VAL A 117 3.06 -14.16 -9.20
N VAL A 118 2.90 -15.19 -8.36
CA VAL A 118 3.50 -16.52 -8.61
C VAL A 118 2.68 -17.52 -7.78
N LYS A 119 2.73 -18.79 -8.13
CA LYS A 119 2.09 -19.86 -7.34
C LYS A 119 3.17 -20.52 -6.49
N ILE A 120 2.97 -20.59 -5.18
CA ILE A 120 3.85 -21.30 -4.23
C ILE A 120 2.95 -22.21 -3.39
N HIS A 121 3.24 -23.52 -3.35
CA HIS A 121 2.54 -24.47 -2.45
C HIS A 121 1.04 -24.30 -2.56
N GLY A 122 0.54 -24.22 -3.80
CA GLY A 122 -0.90 -24.27 -4.12
C GLY A 122 -1.63 -22.97 -3.90
N GLU A 123 -0.94 -21.88 -3.58
CA GLU A 123 -1.63 -20.58 -3.38
C GLU A 123 -0.91 -19.47 -4.14
N MET A 124 -1.59 -18.33 -4.23
CA MET A 124 -0.95 -17.12 -4.81
C MET A 124 -0.03 -16.48 -3.76
N VAL A 125 1.14 -16.06 -4.22
CA VAL A 125 2.00 -15.05 -3.56
C VAL A 125 2.01 -13.83 -4.48
N PHE A 126 1.57 -12.72 -3.92
CA PHE A 126 1.38 -11.42 -4.60
C PHE A 126 2.32 -10.42 -3.94
N GLY A 127 2.98 -9.61 -4.75
CA GLY A 127 3.85 -8.58 -4.23
C GLY A 127 3.78 -7.31 -5.06
N GLY A 128 4.41 -6.28 -4.51
CA GLY A 128 4.55 -4.99 -5.17
C GLY A 128 5.41 -4.09 -4.33
N THR A 129 5.74 -2.91 -4.86
CA THR A 129 6.57 -1.94 -4.15
C THR A 129 5.71 -1.02 -3.33
N HIS A 130 6.00 -0.94 -2.02
CA HIS A 130 5.35 0.03 -1.10
C HIS A 130 6.31 1.19 -0.91
N VAL A 131 5.90 2.38 -1.38
CA VAL A 131 6.70 3.62 -1.34
C VAL A 131 6.35 4.40 -0.07
N THR A 132 7.39 4.83 0.63
CA THR A 132 7.29 5.76 1.78
C THR A 132 7.80 7.13 1.33
N LYS A 133 7.06 8.16 1.71
CA LYS A 133 7.41 9.56 1.43
C LYS A 133 7.60 10.29 2.76
N ASN A 134 8.36 11.37 2.69
CA ASN A 134 8.62 12.28 3.83
C ASN A 134 8.39 13.69 3.28
N GLY A 135 7.26 14.30 3.61
CA GLY A 135 6.92 15.66 3.11
C GLY A 135 6.87 15.68 1.61
N GLY A 136 6.28 14.64 0.99
CA GLY A 136 6.03 14.57 -0.45
C GLY A 136 7.18 13.95 -1.21
N LYS A 137 8.34 13.76 -0.59
CA LYS A 137 9.56 13.26 -1.28
C LYS A 137 9.71 11.77 -0.96
N VAL A 138 10.04 10.95 -1.94
CA VAL A 138 10.30 9.52 -1.69
C VAL A 138 11.47 9.38 -0.70
N SER A 139 11.28 8.59 0.35
CA SER A 139 12.30 8.39 1.40
C SER A 139 12.66 6.90 1.52
N ASP A 140 11.76 6.01 1.11
CA ASP A 140 12.01 4.56 1.25
C ASP A 140 11.07 3.82 0.30
N TYR A 141 11.40 2.57 0.02
CA TYR A 141 10.54 1.69 -0.76
C TYR A 141 10.98 0.26 -0.46
N ARG A 142 10.01 -0.62 -0.35
CA ARG A 142 10.31 -2.05 -0.15
C ARG A 142 9.20 -2.89 -0.75
N CYS A 143 9.55 -4.11 -1.07
CA CYS A 143 8.58 -5.08 -1.62
CA CYS A 143 8.59 -5.08 -1.62
C CYS A 143 7.72 -5.57 -0.47
N GLU A 144 6.40 -5.56 -0.67
CA GLU A 144 5.44 -6.18 0.27
C GLU A 144 4.90 -7.47 -0.37
N PHE A 145 4.71 -8.51 0.43
CA PHE A 145 4.27 -9.84 -0.03
C PHE A 145 2.98 -10.23 0.68
N TYR A 146 2.02 -10.69 -0.11
CA TYR A 146 0.71 -11.22 0.32
C TYR A 146 0.61 -12.67 -0.15
N HIS A 147 -0.21 -13.47 0.54
CA HIS A 147 -0.47 -14.85 0.10
C HIS A 147 -1.93 -15.23 0.36
N GLY A 148 -2.44 -16.17 -0.46
CA GLY A 148 -3.79 -16.72 -0.33
C GLY A 148 -4.40 -16.94 -1.69
N THR A 149 -5.67 -16.64 -1.84
CA THR A 149 -6.39 -16.76 -3.11
C THR A 149 -6.54 -15.37 -3.68
N PRO A 150 -6.81 -15.23 -4.98
CA PRO A 150 -6.73 -13.91 -5.62
C PRO A 150 -7.61 -12.82 -5.00
N PHE A 151 -8.76 -13.18 -4.44
CA PHE A 151 -9.71 -12.20 -3.87
C PHE A 151 -9.58 -12.22 -2.35
N ASN A 152 -8.59 -12.93 -1.80
CA ASN A 152 -8.43 -13.08 -0.34
C ASN A 152 -6.93 -13.15 -0.02
N LEU A 153 -6.21 -12.08 -0.32
CA LEU A 153 -4.75 -12.01 -0.13
C LEU A 153 -4.45 -11.39 1.24
N LYS A 154 -3.49 -11.98 1.95
CA LYS A 154 -3.11 -11.59 3.32
C LYS A 154 -1.63 -11.21 3.36
N TYR A 155 -1.37 -9.99 3.87
CA TYR A 155 -0.01 -9.40 3.95
C TYR A 155 0.80 -10.16 5.00
N PHE A 156 2.01 -10.62 4.68
CA PHE A 156 2.80 -11.42 5.64
C PHE A 156 4.26 -10.97 5.78
N SER A 157 4.87 -10.26 4.81
CA SER A 157 6.28 -9.83 4.94
C SER A 157 6.63 -8.70 3.98
N SER A 158 7.66 -7.96 4.35
CA SER A 158 8.33 -6.97 3.48
C SER A 158 9.78 -7.38 3.33
N GLY A 159 10.35 -7.09 2.17
CA GLY A 159 11.79 -7.19 1.96
C GLY A 159 12.53 -6.00 2.54
N PRO A 160 13.87 -5.97 2.35
CA PRO A 160 14.72 -4.94 2.89
C PRO A 160 14.45 -3.58 2.27
N SER A 161 14.77 -2.54 3.03
CA SER A 161 14.70 -1.13 2.57
C SER A 161 15.43 -1.01 1.24
N LYS A 162 14.76 -0.41 0.26
CA LYS A 162 15.28 0.03 -1.06
C LYS A 162 15.60 -1.17 -1.96
N MET A 163 15.06 -2.35 -1.72
CA MET A 163 15.24 -3.49 -2.65
C MET A 163 13.91 -3.78 -3.36
N LYS A 164 13.82 -3.46 -4.64
CA LYS A 164 12.58 -3.62 -5.46
C LYS A 164 12.52 -5.01 -6.11
N ASP A 165 13.67 -5.60 -6.44
CA ASP A 165 13.66 -6.70 -7.44
C ASP A 165 13.80 -8.00 -6.67
N ILE A 166 12.73 -8.40 -5.99
CA ILE A 166 12.63 -9.71 -5.29
C ILE A 166 11.54 -10.52 -5.99
N ARG A 167 11.85 -11.74 -6.39
CA ARG A 167 10.89 -12.65 -7.07
C ARG A 167 11.04 -14.04 -6.49
N LEU A 168 9.94 -14.77 -6.43
CA LEU A 168 9.86 -16.12 -5.83
C LEU A 168 9.54 -17.13 -6.93
N VAL A 169 9.85 -18.38 -6.64
CA VAL A 169 9.41 -19.52 -7.48
C VAL A 169 9.44 -20.77 -6.61
N GLU A 170 8.57 -21.72 -6.90
CA GLU A 170 8.62 -23.05 -6.29
C GLU A 170 9.58 -23.90 -7.12
N LEU A 171 10.64 -24.40 -6.47
CA LEU A 171 11.69 -25.24 -7.10
C LEU A 171 11.15 -26.66 -7.30
N ALA A 172 11.87 -27.43 -8.12
CA ALA A 172 11.54 -28.83 -8.44
C ALA A 172 11.41 -29.63 -7.14
N ASP A 173 12.24 -29.36 -6.15
CA ASP A 173 12.24 -30.12 -4.86
C ASP A 173 11.20 -29.55 -3.88
N GLY A 174 10.39 -28.54 -4.25
CA GLY A 174 9.31 -28.04 -3.36
C GLY A 174 9.78 -26.90 -2.45
N LYS A 175 11.07 -26.62 -2.42
CA LYS A 175 11.64 -25.45 -1.73
CA LYS A 175 11.61 -25.44 -1.72
C LYS A 175 11.22 -24.20 -2.51
N ILE A 176 11.39 -23.05 -1.89
CA ILE A 176 11.05 -21.75 -2.50
C ILE A 176 12.36 -21.04 -2.84
N GLY A 177 12.53 -20.70 -4.11
CA GLY A 177 13.66 -19.91 -4.61
C GLY A 177 13.31 -18.43 -4.53
N ILE A 178 14.29 -17.61 -4.16
CA ILE A 178 14.16 -16.15 -3.96
C ILE A 178 15.33 -15.52 -4.73
N PHE A 179 15.00 -14.69 -5.74
CA PHE A 179 15.96 -13.81 -6.43
C PHE A 179 15.95 -12.43 -5.74
N THR A 180 17.13 -11.87 -5.52
CA THR A 180 17.33 -10.59 -4.81
C THR A 180 18.13 -9.68 -5.72
N HIS A 181 18.07 -8.38 -5.51
CA HIS A 181 18.89 -7.38 -6.25
C HIS A 181 19.54 -6.43 -5.24
N PHE A 182 20.86 -6.47 -5.13
CA PHE A 182 21.67 -5.57 -4.27
C PHE A 182 22.11 -4.35 -5.10
N LEU A 189 23.64 -6.11 -8.49
CA LEU A 189 24.05 -7.54 -8.33
C LEU A 189 22.81 -8.39 -7.99
N THR A 190 22.64 -9.54 -8.65
CA THR A 190 21.49 -10.45 -8.42
C THR A 190 21.95 -11.56 -7.46
N GLY A 191 21.12 -11.85 -6.46
CA GLY A 191 21.37 -12.89 -5.45
C GLY A 191 20.31 -13.94 -5.52
N PHE A 192 20.57 -15.10 -4.92
CA PHE A 192 19.61 -16.24 -4.88
C PHE A 192 19.78 -16.95 -3.56
N THR A 193 18.65 -17.31 -2.96
CA THR A 193 18.60 -18.17 -1.75
C THR A 193 17.30 -18.96 -1.77
N THR A 194 17.13 -19.87 -0.79
CA THR A 194 15.92 -20.71 -0.72
C THR A 194 15.39 -20.70 0.72
N ILE A 195 14.09 -20.97 0.86
CA ILE A 195 13.40 -21.17 2.15
C ILE A 195 12.45 -22.33 1.95
N ASP A 196 11.91 -22.86 3.03
CA ASP A 196 11.01 -24.04 3.02
C ASP A 196 9.56 -23.62 2.85
N LYS A 197 9.20 -22.48 3.44
CA LYS A 197 7.80 -22.05 3.64
C LYS A 197 7.77 -20.54 3.40
N VAL A 198 6.67 -20.03 2.89
CA VAL A 198 6.66 -18.60 2.44
C VAL A 198 6.75 -17.70 3.70
N GLU A 199 6.24 -18.12 4.85
CA GLU A 199 6.31 -17.33 6.12
C GLU A 199 7.75 -17.17 6.60
N ASP A 200 8.71 -17.86 5.99
CA ASP A 200 10.13 -17.75 6.37
C ASP A 200 10.78 -16.62 5.57
N LEU A 201 10.02 -15.95 4.69
CA LEU A 201 10.59 -14.87 3.88
C LEU A 201 10.82 -13.67 4.79
N THR A 202 12.06 -13.43 5.19
CA THR A 202 12.46 -12.35 6.13
C THR A 202 13.51 -11.48 5.46
N VAL A 203 13.70 -10.27 5.99
CA VAL A 203 14.78 -9.34 5.56
CA VAL A 203 14.77 -9.35 5.53
C VAL A 203 16.12 -10.06 5.70
N GLU A 204 16.29 -10.85 6.76
CA GLU A 204 17.58 -11.50 7.11
C GLU A 204 17.91 -12.55 6.05
N VAL A 205 16.91 -13.35 5.68
CA VAL A 205 17.07 -14.38 4.62
C VAL A 205 17.43 -13.68 3.31
N ILE A 206 16.71 -12.60 2.98
CA ILE A 206 16.87 -11.94 1.67
C ILE A 206 18.28 -11.36 1.62
N ASN A 207 18.70 -10.68 2.68
CA ASN A 207 20.01 -9.99 2.73
C ASN A 207 21.16 -10.99 2.73
N SER A 208 20.93 -12.25 3.06
CA SER A 208 22.00 -13.28 3.15
CA SER A 208 21.99 -13.29 3.15
C SER A 208 22.10 -14.07 1.84
N ALA A 209 21.31 -13.71 0.82
CA ALA A 209 21.34 -14.44 -0.47
C ALA A 209 22.76 -14.39 -1.05
N LYS A 210 23.28 -15.49 -1.59
CA LYS A 210 24.57 -15.56 -2.35
C LYS A 210 24.43 -14.90 -3.73
N LEU A 211 25.45 -14.20 -4.24
CA LEU A 211 25.45 -13.61 -5.62
C LEU A 211 25.45 -14.72 -6.69
N ILE A 212 24.70 -14.49 -7.77
CA ILE A 212 24.63 -15.34 -8.99
CA ILE A 212 24.67 -15.39 -8.96
C ILE A 212 25.77 -14.94 -9.92
N ASN A 213 26.09 -15.79 -10.92
CA ASN A 213 27.14 -15.52 -11.92
C ASN A 213 26.71 -14.35 -12.82
N HIS A 214 27.23 -13.15 -12.52
CA HIS A 214 26.86 -11.87 -13.19
C HIS A 214 27.58 -11.65 -14.52
N ARG A 215 28.46 -12.58 -14.94
CA ARG A 215 29.35 -12.40 -16.12
C ARG A 215 28.50 -11.96 -17.32
N PRO A 216 27.44 -12.69 -17.71
CA PRO A 216 26.70 -12.34 -18.95
C PRO A 216 25.92 -11.01 -18.83
N PHE A 217 25.24 -10.75 -17.71
CA PHE A 217 24.47 -9.50 -17.49
C PHE A 217 25.38 -8.27 -17.60
N GLY A 218 26.63 -8.42 -17.19
CA GLY A 218 27.62 -7.34 -17.09
C GLY A 218 27.14 -6.22 -16.18
N ASP A 219 27.35 -4.99 -16.65
CA ASP A 219 27.09 -3.72 -15.93
C ASP A 219 25.67 -3.22 -16.19
N ALA A 220 24.79 -4.06 -16.75
CA ALA A 220 23.37 -3.73 -16.98
C ALA A 220 22.63 -4.00 -15.67
N TRP A 221 21.72 -3.11 -15.25
CA TRP A 221 21.00 -3.32 -13.97
C TRP A 221 19.64 -3.95 -14.22
N GLY A 222 19.05 -4.46 -13.14
CA GLY A 222 17.71 -5.08 -13.11
C GLY A 222 17.78 -6.52 -12.65
N GLY A 223 16.79 -7.31 -13.03
CA GLY A 223 16.54 -8.63 -12.44
C GLY A 223 15.23 -9.22 -12.93
N PRO A 224 14.89 -10.42 -12.45
CA PRO A 224 13.67 -11.10 -12.86
C PRO A 224 12.42 -10.29 -12.54
N SER A 225 11.42 -10.38 -13.42
CA SER A 225 10.02 -9.99 -13.21
C SER A 225 9.21 -11.26 -12.88
N GLN A 226 9.52 -12.35 -13.59
CA GLN A 226 8.70 -13.57 -13.49
C GLN A 226 9.64 -14.77 -13.62
N VAL A 227 9.51 -15.72 -12.72
CA VAL A 227 10.35 -16.95 -12.73
C VAL A 227 9.45 -18.15 -12.93
N TYR A 228 9.89 -19.09 -13.77
CA TYR A 228 9.17 -20.31 -14.17
C TYR A 228 10.03 -21.52 -13.83
N LEU A 229 9.41 -22.59 -13.38
CA LEU A 229 10.10 -23.88 -13.25
C LEU A 229 9.99 -24.56 -14.58
N LEU A 230 11.11 -25.08 -15.08
CA LEU A 230 11.14 -25.86 -16.34
C LEU A 230 11.22 -27.35 -16.01
N SER A 231 10.81 -28.17 -16.98
CA SER A 231 10.79 -29.66 -16.89
C SER A 231 12.20 -30.20 -16.60
N SER A 232 13.25 -29.48 -17.00
CA SER A 232 14.67 -29.81 -16.74
C SER A 232 15.05 -29.60 -15.26
N GLY A 233 14.19 -28.96 -14.46
CA GLY A 233 14.51 -28.60 -13.07
C GLY A 233 15.22 -27.25 -13.01
N LEU A 234 15.57 -26.68 -14.14
CA LEU A 234 16.17 -25.32 -14.17
C LEU A 234 15.04 -24.29 -14.06
N LEU A 235 15.42 -23.03 -13.87
CA LEU A 235 14.48 -21.90 -13.77
C LEU A 235 14.56 -21.06 -15.04
N GLY A 236 13.40 -20.80 -15.66
CA GLY A 236 13.30 -19.80 -16.74
C GLY A 236 12.98 -18.45 -16.14
N CYS A 237 13.85 -17.47 -16.31
CA CYS A 237 13.65 -16.10 -15.78
C CYS A 237 13.32 -15.16 -16.93
N ILE A 238 12.21 -14.47 -16.81
CA ILE A 238 11.87 -13.29 -17.68
C ILE A 238 12.24 -12.07 -16.84
N SER A 239 13.15 -11.25 -17.36
CA SER A 239 13.87 -10.26 -16.58
C SER A 239 13.78 -8.87 -17.25
N HIS A 240 14.07 -7.84 -16.46
CA HIS A 240 14.21 -6.45 -16.91
C HIS A 240 15.67 -6.05 -16.76
N HIS A 241 16.32 -5.62 -17.87
CA HIS A 241 17.70 -5.12 -17.84
C HIS A 241 17.73 -3.76 -18.51
N GLY A 242 18.47 -2.83 -17.92
CA GLY A 242 18.49 -1.41 -18.30
C GLY A 242 19.87 -0.79 -18.23
N TYR A 243 19.93 0.47 -18.65
CA TYR A 243 21.15 1.32 -18.68
C TYR A 243 20.68 2.73 -19.06
N LEU A 244 21.58 3.68 -18.89
CA LEU A 244 21.32 5.10 -19.21
C LEU A 244 21.97 5.36 -20.55
N LEU A 245 21.25 5.99 -21.47
CA LEU A 245 21.81 6.36 -22.79
C LEU A 245 21.83 7.89 -22.90
N ASP A 246 23.00 8.50 -22.74
CA ASP A 246 23.24 9.93 -23.10
C ASP A 246 23.15 10.08 -24.62
N GLN A 247 22.37 11.05 -25.09
CA GLN A 247 22.14 11.32 -26.54
C GLN A 247 22.80 12.66 -26.86
N LYS A 248 23.43 12.77 -28.05
CA LYS A 248 24.22 13.97 -28.46
C LYS A 248 23.34 15.21 -28.32
N ASP A 249 22.11 15.15 -28.86
CA ASP A 249 21.16 16.30 -28.95
C ASP A 249 20.03 16.11 -27.93
N GLY A 250 19.43 14.91 -27.88
CA GLY A 250 18.34 14.57 -26.94
C GLY A 250 18.79 14.62 -25.48
N ILE A 251 17.87 14.26 -24.58
CA ILE A 251 18.10 14.09 -23.11
C ILE A 251 18.58 12.66 -22.84
N GLN A 252 18.85 12.31 -21.59
CA GLN A 252 19.36 10.98 -21.18
C GLN A 252 18.17 10.00 -21.18
N LEU A 253 18.27 8.86 -21.87
CA LEU A 253 17.17 7.85 -21.89
C LEU A 253 17.42 6.84 -20.77
N ARG A 254 16.36 6.44 -20.06
CA ARG A 254 16.37 5.28 -19.13
C ARG A 254 15.91 4.09 -19.95
N ILE A 255 16.85 3.32 -20.49
CA ILE A 255 16.54 2.18 -21.39
C ILE A 255 16.17 1.03 -20.47
N TYR A 256 15.08 0.35 -20.79
CA TYR A 256 14.72 -0.97 -20.21
CA TYR A 256 14.72 -0.96 -20.21
C TYR A 256 14.36 -1.88 -21.37
N ALA A 257 15.03 -3.03 -21.45
CA ALA A 257 14.74 -4.10 -22.40
C ALA A 257 14.19 -5.31 -21.64
N CYS A 258 13.33 -6.06 -22.31
CA CYS A 258 12.83 -7.37 -21.87
C CYS A 258 13.91 -8.39 -22.18
N THR A 259 14.31 -9.14 -21.17
CA THR A 259 15.40 -10.13 -21.28
C THR A 259 14.90 -11.46 -20.73
N SER A 260 15.67 -12.51 -20.98
CA SER A 260 15.37 -13.83 -20.38
C SER A 260 16.70 -14.53 -20.13
N PHE A 261 16.69 -15.49 -19.23
CA PHE A 261 17.88 -16.34 -19.01
C PHE A 261 17.37 -17.57 -18.29
N VAL A 262 18.20 -18.59 -18.28
CA VAL A 262 17.88 -19.87 -17.61
C VAL A 262 18.89 -20.00 -16.46
N PHE A 263 18.41 -20.37 -15.30
CA PHE A 263 19.22 -20.35 -14.07
C PHE A 263 19.25 -21.74 -13.47
N ASP A 264 20.43 -22.16 -12.99
CA ASP A 264 20.62 -23.47 -12.29
C ASP A 264 20.70 -23.18 -10.80
N PRO A 265 19.63 -23.53 -10.05
CA PRO A 265 19.62 -23.24 -8.62
C PRO A 265 20.68 -24.04 -7.83
N ALA A 266 21.30 -25.05 -8.43
CA ALA A 266 22.32 -25.87 -7.73
C ALA A 266 23.67 -25.16 -7.82
N THR A 267 23.99 -24.51 -8.93
CA THR A 267 25.35 -23.98 -9.20
C THR A 267 25.39 -22.44 -9.29
N TYR A 268 24.24 -21.80 -9.43
CA TYR A 268 24.11 -20.32 -9.55
C TYR A 268 24.60 -19.87 -10.93
N GLU A 269 24.69 -20.81 -11.88
CA GLU A 269 25.12 -20.53 -13.28
CA GLU A 269 25.12 -20.52 -13.28
C GLU A 269 23.93 -20.00 -14.10
N VAL A 270 24.22 -19.13 -15.06
CA VAL A 270 23.22 -18.51 -15.97
C VAL A 270 23.50 -19.04 -17.37
N TYR A 271 22.46 -19.42 -18.11
CA TYR A 271 22.53 -19.91 -19.51
C TYR A 271 21.61 -19.07 -20.38
N ASN A 272 21.93 -18.95 -21.66
CA ASN A 272 20.93 -18.55 -22.69
C ASN A 272 20.38 -17.15 -22.36
N PHE A 273 21.21 -16.25 -21.86
CA PHE A 273 20.79 -14.86 -21.58
C PHE A 273 20.51 -14.20 -22.91
N LYS A 274 19.32 -13.61 -23.09
CA LYS A 274 19.11 -12.82 -24.32
C LYS A 274 18.09 -11.70 -24.13
N ILE A 275 18.08 -10.81 -25.11
CA ILE A 275 17.04 -9.76 -25.26
C ILE A 275 15.85 -10.38 -25.98
N ILE A 276 14.62 -10.17 -25.51
CA ILE A 276 13.44 -10.81 -26.17
C ILE A 276 12.38 -9.76 -26.50
N GLY A 277 12.57 -8.52 -26.04
CA GLY A 277 11.62 -7.44 -26.34
C GLY A 277 12.17 -6.07 -26.01
N THR A 278 11.74 -5.07 -26.79
CA THR A 278 12.08 -3.64 -26.61
C THR A 278 10.84 -2.81 -26.91
N LYS A 279 10.78 -1.59 -26.39
CA LYS A 279 9.58 -0.75 -26.53
C LYS A 279 9.14 -0.64 -28.00
N GLY A 280 10.10 -0.48 -28.91
CA GLY A 280 9.83 -0.28 -30.35
C GLY A 280 9.16 -1.49 -30.99
N CYS A 281 9.21 -2.68 -30.35
CA CYS A 281 8.48 -3.88 -30.85
C CYS A 281 6.98 -3.78 -30.62
N PHE A 282 6.58 -3.04 -29.58
CA PHE A 282 5.15 -2.93 -29.19
C PHE A 282 4.46 -1.85 -30.02
N PRO A 283 3.12 -1.80 -30.07
CA PRO A 283 2.45 -0.70 -30.77
C PRO A 283 2.88 0.63 -30.17
N PRO A 284 2.82 1.71 -30.96
CA PRO A 284 3.29 3.01 -30.51
C PRO A 284 2.50 3.54 -29.30
N CYS A 285 3.17 4.20 -28.37
CA CYS A 285 2.46 4.93 -27.28
C CYS A 285 3.41 5.92 -26.67
N GLU A 286 2.94 7.15 -26.53
CA GLU A 286 3.78 8.26 -26.03
CA GLU A 286 3.74 8.27 -26.01
C GLU A 286 4.18 7.92 -24.60
N PRO A 287 5.49 7.99 -24.28
CA PRO A 287 5.92 7.65 -22.93
C PRO A 287 5.50 8.71 -21.89
N LYS A 288 5.56 8.33 -20.63
CA LYS A 288 5.10 9.20 -19.52
C LYS A 288 5.91 10.49 -19.53
N LEU A 289 7.20 10.37 -19.81
CA LEU A 289 8.14 11.50 -20.02
C LEU A 289 9.10 11.05 -21.10
N PRO A 290 9.71 12.02 -21.82
CA PRO A 290 10.58 11.69 -22.94
C PRO A 290 11.73 10.73 -22.60
N HIS A 291 12.23 10.74 -21.37
CA HIS A 291 13.38 9.89 -20.99
C HIS A 291 12.94 8.41 -21.01
N LEU A 292 11.64 8.11 -21.14
CA LEU A 292 11.14 6.70 -21.13
C LEU A 292 10.70 6.24 -22.52
N ALA A 293 11.18 6.92 -23.57
CA ALA A 293 10.85 6.65 -24.98
C ALA A 293 11.36 5.26 -25.39
N ASP A 294 12.26 4.63 -24.65
CA ASP A 294 12.77 3.27 -24.98
C ASP A 294 12.77 2.43 -23.70
N CYS A 295 11.67 2.51 -22.95
CA CYS A 295 11.51 1.79 -21.68
C CYS A 295 10.39 0.77 -21.83
N ALA A 296 10.77 -0.50 -21.80
CA ALA A 296 9.82 -1.62 -21.74
C ALA A 296 10.20 -2.35 -20.45
N PHE A 297 9.31 -2.33 -19.47
CA PHE A 297 9.53 -2.93 -18.13
C PHE A 297 8.72 -4.22 -18.07
N VAL A 298 9.40 -5.36 -18.22
CA VAL A 298 8.73 -6.62 -18.60
C VAL A 298 7.79 -7.05 -17.47
N SER A 299 6.73 -7.77 -17.82
CA SER A 299 5.80 -8.41 -16.86
C SER A 299 6.06 -9.92 -16.84
N GLY A 300 6.13 -10.55 -18.02
CA GLY A 300 6.49 -11.97 -18.19
C GLY A 300 5.77 -12.61 -19.36
N ILE A 301 5.79 -13.95 -19.45
CA ILE A 301 5.25 -14.66 -20.65
C ILE A 301 4.07 -15.55 -20.26
N GLU A 302 3.24 -15.75 -21.28
CA GLU A 302 2.04 -16.62 -21.26
C GLU A 302 2.18 -17.52 -22.48
N MET A 303 2.23 -18.85 -22.28
CA MET A 303 2.32 -19.82 -23.40
C MET A 303 1.02 -19.75 -24.21
N ARG A 304 1.14 -19.89 -25.52
CA ARG A 304 -0.01 -19.98 -26.45
C ARG A 304 -0.13 -21.42 -26.94
N ASN A 305 -1.32 -21.81 -27.39
CA ASN A 305 -1.60 -23.16 -27.97
C ASN A 305 -0.56 -23.47 -29.05
N ASP A 306 -0.22 -22.50 -29.91
CA ASP A 306 0.72 -22.67 -31.06
C ASP A 306 2.18 -22.84 -30.64
N GLY A 307 2.55 -22.82 -29.35
CA GLY A 307 3.93 -23.00 -28.88
C GLY A 307 4.75 -21.72 -28.85
N LYS A 308 4.16 -20.62 -29.34
CA LYS A 308 4.75 -19.26 -29.19
CA LYS A 308 4.78 -19.28 -29.17
C LYS A 308 4.32 -18.74 -27.81
N CYS A 309 4.73 -17.54 -27.46
CA CYS A 309 4.41 -16.91 -26.15
CA CYS A 309 4.23 -16.97 -26.20
C CYS A 309 3.93 -15.48 -26.36
N ASN A 310 3.05 -15.02 -25.50
CA ASN A 310 2.74 -13.59 -25.33
C ASN A 310 3.71 -13.05 -24.29
N LEU A 311 4.56 -12.11 -24.71
CA LEU A 311 5.47 -11.39 -23.80
C LEU A 311 4.78 -10.10 -23.39
N TYR A 312 4.29 -10.07 -22.16
CA TYR A 312 3.65 -8.88 -21.57
C TYR A 312 4.71 -7.95 -20.99
N SER A 313 4.56 -6.67 -21.28
CA SER A 313 5.46 -5.63 -20.74
C SER A 313 4.70 -4.34 -20.47
N GLY A 314 5.09 -3.65 -19.39
CA GLY A 314 4.85 -2.21 -19.28
C GLY A 314 5.62 -1.50 -20.37
N ILE A 315 5.03 -0.48 -20.97
CA ILE A 315 5.74 0.31 -22.02
C ILE A 315 5.59 1.81 -21.73
N GLY A 316 6.73 2.49 -21.69
CA GLY A 316 6.81 3.95 -21.51
C GLY A 316 6.26 4.43 -20.17
N ASP A 317 6.06 3.54 -19.19
CA ASP A 317 5.34 3.83 -17.92
C ASP A 317 3.96 4.43 -18.22
N VAL A 318 3.28 4.01 -19.30
CA VAL A 318 1.93 4.52 -19.66
C VAL A 318 0.97 3.39 -20.02
N ALA A 319 1.45 2.23 -20.43
CA ALA A 319 0.56 1.19 -20.97
C ALA A 319 1.13 -0.19 -20.72
N GLU A 320 0.30 -1.19 -20.97
CA GLU A 320 0.71 -2.62 -20.96
C GLU A 320 0.45 -3.16 -22.36
N GLY A 321 1.44 -3.77 -22.98
CA GLY A 321 1.21 -4.50 -24.25
C GLY A 321 1.72 -5.92 -24.16
N TYR A 322 1.54 -6.66 -25.25
CA TYR A 322 2.32 -7.89 -25.44
C TYR A 322 2.78 -7.96 -26.90
N ILE A 323 3.90 -8.63 -27.10
CA ILE A 323 4.38 -9.09 -28.43
C ILE A 323 4.37 -10.61 -28.42
N VAL A 324 4.03 -11.20 -29.55
CA VAL A 324 4.02 -12.67 -29.73
C VAL A 324 5.42 -13.04 -30.24
N ILE A 325 6.12 -13.86 -29.47
CA ILE A 325 7.56 -14.18 -29.69
C ILE A 325 7.74 -15.70 -29.62
N ASP A 326 8.91 -16.14 -30.06
CA ASP A 326 9.33 -17.55 -29.89
C ASP A 326 9.52 -17.81 -28.41
N TYR A 327 9.25 -19.04 -27.98
CA TYR A 327 9.48 -19.49 -26.59
C TYR A 327 10.92 -19.18 -26.21
N PRO A 328 11.18 -18.28 -25.24
CA PRO A 328 12.55 -17.88 -24.92
C PRO A 328 13.43 -18.94 -24.23
N PHE A 329 12.83 -19.99 -23.65
CA PHE A 329 13.60 -21.08 -22.98
C PHE A 329 13.70 -22.33 -23.88
N GLU A 330 13.43 -22.20 -25.17
CA GLU A 330 13.56 -23.26 -26.19
C GLU A 330 14.88 -24.02 -25.97
N GLY A 331 14.77 -25.34 -25.78
CA GLY A 331 15.92 -26.23 -25.57
C GLY A 331 16.28 -26.44 -24.11
N TYR A 332 15.62 -25.79 -23.13
CA TYR A 332 15.93 -25.92 -21.69
C TYR A 332 14.76 -26.54 -20.93
N GLY A 333 13.76 -27.02 -21.64
CA GLY A 333 12.57 -27.66 -21.06
C GLY A 333 11.33 -26.81 -21.22
N LYS A 334 10.18 -27.43 -20.98
CA LYS A 334 8.84 -26.81 -21.03
C LYS A 334 8.56 -26.20 -19.65
N ILE A 335 7.78 -25.12 -19.62
CA ILE A 335 7.32 -24.52 -18.35
C ILE A 335 6.41 -25.56 -17.70
N VAL A 336 6.70 -25.95 -16.45
CA VAL A 336 5.83 -26.85 -15.67
C VAL A 336 5.21 -26.14 -14.46
N SER A 337 5.67 -24.96 -14.08
CA SER A 337 4.96 -24.12 -13.10
C SER A 337 3.68 -23.60 -13.76
N ASP A 338 2.69 -23.16 -12.97
CA ASP A 338 1.47 -22.56 -13.55
C ASP A 338 1.03 -21.35 -12.69
N VAL A 339 0.08 -20.61 -13.20
CA VAL A 339 -0.65 -19.57 -12.42
C VAL A 339 -2.15 -19.83 -12.61
N ALA A 340 -2.54 -21.11 -12.49
CA ALA A 340 -3.96 -21.56 -12.57
C ALA A 340 -4.47 -21.75 -11.16
N PHE A 341 -5.06 -20.70 -10.58
CA PHE A 341 -5.40 -20.64 -9.15
C PHE A 341 -6.82 -21.15 -8.95
N LYS B 43 -24.73 10.00 31.75
CA LYS B 43 -26.02 10.21 31.04
C LYS B 43 -25.84 9.81 29.56
N ILE B 44 -26.51 8.74 29.14
CA ILE B 44 -26.51 8.20 27.75
C ILE B 44 -27.94 8.31 27.23
N TYR B 45 -28.14 8.98 26.11
CA TYR B 45 -29.50 9.31 25.60
C TYR B 45 -29.90 8.37 24.46
N GLY B 46 -29.05 7.39 24.14
CA GLY B 46 -29.24 6.47 23.00
C GLY B 46 -27.94 5.78 22.64
N LYS B 47 -28.02 4.71 21.86
CA LYS B 47 -26.82 3.92 21.47
C LYS B 47 -27.18 3.02 20.30
N ALA B 48 -26.21 2.67 19.47
CA ALA B 48 -26.40 1.75 18.34
C ALA B 48 -25.06 1.17 17.94
N ILE B 49 -25.11 0.00 17.34
CA ILE B 49 -24.00 -0.61 16.57
C ILE B 49 -24.32 -0.42 15.09
N LEU B 50 -23.33 -0.01 14.30
CA LEU B 50 -23.52 0.18 12.86
C LEU B 50 -23.48 -1.18 12.16
N SER B 51 -24.27 -1.28 11.08
CA SER B 51 -24.19 -2.42 10.13
CA SER B 51 -24.25 -2.40 10.10
C SER B 51 -23.43 -1.96 8.89
N PHE B 52 -22.57 -2.84 8.38
CA PHE B 52 -21.73 -2.58 7.20
C PHE B 52 -21.96 -3.66 6.17
N ASP B 53 -22.45 -3.27 5.00
CA ASP B 53 -22.75 -4.20 3.87
C ASP B 53 -21.58 -4.13 2.89
N GLY B 54 -21.38 -5.19 2.13
CA GLY B 54 -20.43 -5.23 0.99
C GLY B 54 -19.05 -5.67 1.38
N VAL B 55 -18.84 -6.23 2.58
CA VAL B 55 -17.49 -6.71 3.00
C VAL B 55 -17.59 -8.16 3.51
N ASN B 56 -18.47 -8.95 2.88
CA ASN B 56 -18.47 -10.44 2.99
C ASN B 56 -18.57 -10.85 4.44
N GLY B 57 -19.34 -10.12 5.23
CA GLY B 57 -19.51 -10.41 6.67
C GLY B 57 -18.27 -10.16 7.54
N TYR B 58 -17.13 -9.65 7.01
CA TYR B 58 -15.94 -9.27 7.82
C TYR B 58 -16.38 -8.32 8.97
N ASP B 59 -15.57 -8.21 10.02
CA ASP B 59 -15.78 -7.19 11.08
C ASP B 59 -15.35 -5.82 10.57
N VAL B 60 -16.05 -4.79 11.02
CA VAL B 60 -15.71 -3.40 10.69
C VAL B 60 -15.62 -2.63 12.00
N TYR B 61 -14.52 -1.98 12.26
CA TYR B 61 -14.32 -1.27 13.56
C TYR B 61 -13.34 -0.12 13.42
N ASN B 62 -13.11 0.58 14.52
CA ASN B 62 -12.13 1.68 14.63
C ASN B 62 -12.25 2.58 13.40
N CYS B 63 -13.44 3.11 13.18
CA CYS B 63 -13.76 3.94 12.00
C CYS B 63 -13.19 5.36 12.15
N SER B 64 -13.10 6.06 11.03
CA SER B 64 -13.06 7.53 11.00
C SER B 64 -14.37 8.06 11.64
N ILE B 65 -14.46 9.34 11.90
CA ILE B 65 -15.81 9.93 12.08
C ILE B 65 -16.51 9.93 10.72
N PRO B 66 -17.86 9.95 10.69
CA PRO B 66 -18.60 10.18 9.47
C PRO B 66 -18.27 11.57 8.90
N PHE B 67 -18.38 11.70 7.59
CA PHE B 67 -18.09 12.98 6.89
C PHE B 67 -19.08 13.07 5.73
N THR B 68 -19.21 14.25 5.12
CA THR B 68 -20.13 14.46 3.98
C THR B 68 -19.32 14.87 2.76
N TYR B 69 -19.84 14.49 1.60
CA TYR B 69 -19.28 14.78 0.28
C TYR B 69 -20.38 14.61 -0.77
N ASP B 70 -20.60 15.62 -1.59
CA ASP B 70 -21.55 15.52 -2.73
C ASP B 70 -22.94 15.10 -2.24
N GLY B 71 -23.37 15.65 -1.12
CA GLY B 71 -24.73 15.46 -0.57
C GLY B 71 -24.95 14.05 -0.01
N LYS B 72 -23.89 13.28 0.24
CA LYS B 72 -24.01 11.98 0.96
C LYS B 72 -23.14 11.95 2.20
N THR B 73 -23.40 10.98 3.07
CA THR B 73 -22.60 10.73 4.27
C THR B 73 -21.77 9.46 4.04
N TYR B 74 -20.52 9.51 4.51
CA TYR B 74 -19.52 8.44 4.33
C TYR B 74 -18.82 8.18 5.66
N ILE B 75 -18.17 7.02 5.74
CA ILE B 75 -17.25 6.68 6.85
C ILE B 75 -16.20 5.71 6.33
N PHE B 76 -14.98 5.83 6.82
CA PHE B 76 -13.93 4.85 6.57
C PHE B 76 -13.98 3.84 7.70
N GLY B 77 -13.90 2.56 7.37
CA GLY B 77 -13.89 1.47 8.37
C GLY B 77 -12.62 0.64 8.26
N ARG B 78 -12.14 0.16 9.41
CA ARG B 78 -11.10 -0.88 9.48
C ARG B 78 -11.80 -2.22 9.35
N VAL B 79 -11.46 -2.94 8.30
CA VAL B 79 -12.15 -4.18 7.86
C VAL B 79 -11.20 -5.35 8.08
N GLU B 80 -11.64 -6.36 8.82
CA GLU B 80 -10.78 -7.50 9.22
C GLU B 80 -11.67 -8.68 9.57
N LYS B 81 -11.21 -9.87 9.23
CA LYS B 81 -11.94 -11.11 9.62
C LYS B 81 -11.86 -11.24 11.13
N LYS B 82 -12.93 -11.70 11.76
CA LYS B 82 -13.02 -11.78 13.23
C LYS B 82 -11.87 -12.66 13.74
N ASP B 83 -11.52 -13.74 13.02
CA ASP B 83 -10.51 -14.71 13.55
C ASP B 83 -9.13 -14.44 12.94
N GLU B 84 -8.92 -13.27 12.33
CA GLU B 84 -7.59 -12.87 11.80
C GLU B 84 -7.08 -11.63 12.56
N TRP B 85 -5.77 -11.58 12.77
CA TRP B 85 -5.12 -10.51 13.54
CA TRP B 85 -5.09 -10.53 13.55
C TRP B 85 -4.07 -9.83 12.66
N VAL B 86 -4.10 -8.51 12.62
CA VAL B 86 -3.17 -7.71 11.77
C VAL B 86 -3.37 -8.14 10.31
N HIS B 87 -4.62 -8.20 9.88
CA HIS B 87 -5.00 -8.41 8.44
C HIS B 87 -6.11 -7.45 8.05
N SER B 88 -5.89 -6.16 8.30
CA SER B 88 -6.91 -5.10 8.10
C SER B 88 -6.68 -4.38 6.78
N ASN B 89 -7.76 -3.86 6.22
CA ASN B 89 -7.75 -2.86 5.13
C ASN B 89 -8.78 -1.79 5.52
N SER B 90 -8.56 -0.57 5.08
CA SER B 90 -9.48 0.56 5.30
C SER B 90 -10.31 0.81 4.05
N ILE B 91 -11.64 0.80 4.23
CA ILE B 91 -12.65 0.78 3.13
C ILE B 91 -13.60 1.98 3.33
N LEU B 92 -13.89 2.68 2.25
CA LEU B 92 -14.86 3.80 2.23
C LEU B 92 -16.26 3.22 2.10
N PHE B 93 -17.13 3.58 3.04
CA PHE B 93 -18.53 3.15 3.07
C PHE B 93 -19.44 4.37 2.91
N GLU B 94 -20.54 4.17 2.20
CA GLU B 94 -21.59 5.22 2.03
C GLU B 94 -22.74 4.89 2.98
N LYS B 95 -23.27 5.89 3.68
CA LYS B 95 -24.45 5.70 4.54
C LYS B 95 -25.65 5.46 3.62
N VAL B 96 -26.39 4.39 3.82
CA VAL B 96 -27.51 3.98 2.92
C VAL B 96 -28.80 3.93 3.73
N GLY B 97 -28.74 4.08 5.04
CA GLY B 97 -29.91 3.91 5.92
C GLY B 97 -29.51 4.22 7.33
N GLU B 98 -30.49 4.34 8.24
CA GLU B 98 -30.24 4.49 9.68
C GLU B 98 -29.28 3.38 10.12
N ASN B 99 -28.11 3.76 10.65
CA ASN B 99 -27.11 2.85 11.28
C ASN B 99 -26.57 1.84 10.27
N ARG B 100 -26.60 2.18 8.98
CA ARG B 100 -26.22 1.23 7.92
C ARG B 100 -25.38 1.91 6.85
N TYR B 101 -24.26 1.27 6.55
CA TYR B 101 -23.27 1.72 5.55
C TYR B 101 -22.98 0.57 4.60
N ARG B 102 -22.60 0.90 3.37
CA ARG B 102 -22.26 -0.11 2.35
C ARG B 102 -20.97 0.29 1.66
N ARG B 103 -20.10 -0.68 1.40
CA ARG B 103 -18.82 -0.41 0.70
C ARG B 103 -19.12 0.36 -0.59
N HIS B 104 -18.42 1.47 -0.83
CA HIS B 104 -18.58 2.21 -2.09
C HIS B 104 -17.65 1.61 -3.13
N PRO B 105 -18.18 0.97 -4.20
CA PRO B 105 -17.35 0.20 -5.13
C PRO B 105 -16.37 1.02 -5.96
N ALA B 106 -16.61 2.32 -6.13
CA ALA B 106 -15.72 3.16 -6.95
C ALA B 106 -14.41 3.42 -6.19
N SER B 107 -14.47 3.58 -4.86
CA SER B 107 -13.28 3.98 -4.08
C SER B 107 -12.23 2.86 -4.11
N ILE B 108 -10.98 3.24 -4.16
CA ILE B 108 -9.88 2.32 -3.82
C ILE B 108 -9.97 2.03 -2.33
N THR B 109 -9.22 1.02 -1.92
CA THR B 109 -9.06 0.64 -0.50
C THR B 109 -7.63 0.98 -0.10
N TYR B 110 -7.39 1.04 1.20
CA TYR B 110 -6.10 1.48 1.76
C TYR B 110 -5.62 0.35 2.66
N ASN B 111 -4.34 0.00 2.51
CA ASN B 111 -3.72 -1.10 3.28
C ASN B 111 -3.32 -0.56 4.65
N LEU B 112 -4.30 -0.19 5.47
CA LEU B 112 -4.12 0.57 6.71
C LEU B 112 -5.10 0.04 7.75
N GLU B 113 -4.71 0.20 9.01
CA GLU B 113 -5.60 0.09 10.18
C GLU B 113 -6.05 1.49 10.64
N ASP B 114 -7.14 1.56 11.39
CA ASP B 114 -7.50 2.74 12.23
C ASP B 114 -7.53 3.99 11.36
N PRO B 115 -8.41 4.04 10.33
CA PRO B 115 -8.47 5.21 9.44
C PRO B 115 -9.00 6.43 10.19
N PHE B 116 -8.58 7.61 9.76
CA PHE B 116 -9.08 8.86 10.37
C PHE B 116 -9.09 9.94 9.31
N VAL B 117 -10.01 10.91 9.46
CA VAL B 117 -10.13 12.03 8.48
C VAL B 117 -10.11 13.36 9.23
N VAL B 118 -9.71 14.40 8.52
CA VAL B 118 -9.84 15.80 9.03
C VAL B 118 -9.85 16.72 7.81
N LYS B 119 -10.39 17.91 7.95
CA LYS B 119 -10.35 18.93 6.87
CA LYS B 119 -10.37 18.93 6.87
C LYS B 119 -9.25 19.92 7.16
N ILE B 120 -8.36 20.11 6.20
CA ILE B 120 -7.22 21.07 6.30
C ILE B 120 -7.26 21.87 4.99
N HIS B 121 -7.36 23.20 5.08
CA HIS B 121 -7.24 24.09 3.90
C HIS B 121 -8.19 23.61 2.79
N GLY B 122 -9.42 23.25 3.15
CA GLY B 122 -10.54 22.98 2.23
C GLY B 122 -10.47 21.62 1.57
N GLU B 123 -9.56 20.74 2.00
CA GLU B 123 -9.49 19.37 1.42
C GLU B 123 -9.44 18.34 2.54
N MET B 124 -9.62 17.08 2.16
CA MET B 124 -9.48 15.96 3.10
C MET B 124 -8.00 15.65 3.30
N VAL B 125 -7.62 15.44 4.56
CA VAL B 125 -6.42 14.67 4.97
C VAL B 125 -6.92 13.37 5.61
N PHE B 126 -6.48 12.28 5.03
CA PHE B 126 -6.83 10.89 5.45
C PHE B 126 -5.56 10.19 5.89
N GLY B 127 -5.67 9.43 6.97
CA GLY B 127 -4.53 8.67 7.46
C GLY B 127 -4.95 7.34 8.01
N GLY B 128 -3.95 6.53 8.25
CA GLY B 128 -4.11 5.23 8.91
C GLY B 128 -2.77 4.67 9.25
N THR B 129 -2.78 3.55 9.93
CA THR B 129 -1.55 2.82 10.29
C THR B 129 -1.19 1.85 9.18
N HIS B 130 0.01 1.96 8.63
CA HIS B 130 0.59 0.99 7.68
C HIS B 130 1.54 0.10 8.47
N VAL B 131 1.20 -1.19 8.57
CA VAL B 131 1.98 -2.22 9.30
C VAL B 131 2.99 -2.88 8.36
N THR B 132 4.24 -2.99 8.82
CA THR B 132 5.28 -3.80 8.19
C THR B 132 5.48 -5.08 9.02
N LYS B 133 5.57 -6.20 8.34
CA LYS B 133 5.85 -7.52 8.94
C LYS B 133 7.17 -8.02 8.41
N ASN B 134 7.78 -8.91 9.18
CA ASN B 134 9.03 -9.62 8.82
C ASN B 134 8.79 -11.10 9.10
N GLY B 135 8.51 -11.87 8.06
CA GLY B 135 8.18 -13.30 8.20
C GLY B 135 6.98 -13.50 9.09
N GLY B 136 5.93 -12.71 8.88
CA GLY B 136 4.63 -12.87 9.56
C GLY B 136 4.57 -12.10 10.86
N LYS B 137 5.69 -11.62 11.40
CA LYS B 137 5.70 -10.89 12.70
C LYS B 137 5.70 -9.38 12.45
N VAL B 138 4.93 -8.61 13.19
CA VAL B 138 4.97 -7.13 13.06
C VAL B 138 6.39 -6.64 13.39
N SER B 139 6.98 -5.81 12.54
CA SER B 139 8.36 -5.29 12.70
C SER B 139 8.34 -3.76 12.69
N ASP B 140 7.30 -3.13 12.14
CA ASP B 140 7.19 -1.65 12.16
C ASP B 140 5.73 -1.26 11.92
N TYR B 141 5.40 -0.01 12.24
CA TYR B 141 4.09 0.55 11.90
C TYR B 141 4.25 2.06 11.92
N ARG B 142 3.61 2.69 10.96
CA ARG B 142 3.76 4.14 10.76
C ARG B 142 2.44 4.66 10.24
N CYS B 143 2.11 5.87 10.64
CA CYS B 143 0.96 6.59 10.07
CA CYS B 143 0.97 6.59 10.08
C CYS B 143 1.30 7.03 8.66
N GLU B 144 0.40 6.73 7.71
CA GLU B 144 0.50 7.22 6.32
C GLU B 144 -0.60 8.26 6.12
N PHE B 145 -0.27 9.32 5.40
CA PHE B 145 -1.17 10.48 5.20
C PHE B 145 -1.44 10.68 3.72
N TYR B 146 -2.71 10.84 3.38
CA TYR B 146 -3.22 11.15 2.03
C TYR B 146 -3.94 12.49 2.09
N HIS B 147 -3.97 13.20 0.97
CA HIS B 147 -4.80 14.42 0.86
C HIS B 147 -5.48 14.48 -0.50
N GLY B 148 -6.60 15.20 -0.54
CA GLY B 148 -7.35 15.47 -1.77
C GLY B 148 -8.83 15.44 -1.49
N THR B 149 -9.60 14.86 -2.41
CA THR B 149 -11.05 14.68 -2.25
C THR B 149 -11.29 13.23 -1.88
N PRO B 150 -12.45 12.91 -1.28
CA PRO B 150 -12.63 11.57 -0.73
C PRO B 150 -12.44 10.42 -1.72
N PHE B 151 -12.74 10.62 -3.01
CA PHE B 151 -12.63 9.55 -4.02
C PHE B 151 -11.34 9.72 -4.80
N ASN B 152 -10.49 10.67 -4.40
CA ASN B 152 -9.24 10.99 -5.14
C ASN B 152 -8.16 11.39 -4.14
N LEU B 153 -7.78 10.44 -3.28
CA LEU B 153 -6.77 10.68 -2.20
C LEU B 153 -5.37 10.34 -2.67
N LYS B 154 -4.41 11.22 -2.40
CA LYS B 154 -3.00 11.09 -2.84
C LYS B 154 -2.10 11.00 -1.63
N TYR B 155 -1.30 9.95 -1.58
CA TYR B 155 -0.33 9.66 -0.49
C TYR B 155 0.81 10.68 -0.53
N PHE B 156 1.13 11.34 0.59
CA PHE B 156 2.19 12.40 0.56
C PHE B 156 3.21 12.26 1.70
N SER B 157 2.94 11.58 2.81
CA SER B 157 3.97 11.44 3.87
C SER B 157 3.65 10.29 4.83
N SER B 158 4.70 9.81 5.48
CA SER B 158 4.57 8.94 6.66
C SER B 158 5.17 9.61 7.89
N GLY B 159 4.57 9.34 9.04
CA GLY B 159 5.17 9.67 10.35
C GLY B 159 6.34 8.74 10.67
N PRO B 160 6.96 8.97 11.84
CA PRO B 160 8.09 8.19 12.32
C PRO B 160 7.74 6.72 12.55
N SER B 161 8.76 5.89 12.50
CA SER B 161 8.67 4.46 12.85
C SER B 161 8.02 4.31 14.23
N LYS B 162 7.02 3.43 14.33
CA LYS B 162 6.38 2.97 15.58
C LYS B 162 5.62 4.09 16.26
N MET B 163 5.16 5.08 15.50
CA MET B 163 4.27 6.10 16.10
C MET B 163 2.88 6.03 15.44
N LYS B 164 1.88 5.63 16.19
CA LYS B 164 0.50 5.45 15.69
C LYS B 164 -0.35 6.70 15.86
N ASP B 165 -0.11 7.49 16.90
CA ASP B 165 -1.22 8.37 17.38
C ASP B 165 -0.86 9.77 16.91
N ILE B 166 -0.96 9.99 15.61
CA ILE B 166 -0.73 11.34 14.99
C ILE B 166 -2.07 11.84 14.45
N ARG B 167 -2.46 13.04 14.88
CA ARG B 167 -3.72 13.65 14.40
C ARG B 167 -3.46 15.12 14.07
N LEU B 168 -4.19 15.60 13.08
CA LEU B 168 -4.04 16.98 12.54
C LEU B 168 -5.33 17.73 12.83
N VAL B 169 -5.23 19.06 12.79
CA VAL B 169 -6.41 19.95 12.83
C VAL B 169 -5.97 21.29 12.24
N GLU B 170 -6.91 22.01 11.65
CA GLU B 170 -6.63 23.41 11.22
C GLU B 170 -6.91 24.33 12.40
N LEU B 171 -5.92 25.11 12.81
CA LEU B 171 -5.99 26.09 13.92
C LEU B 171 -6.72 27.35 13.45
N ALA B 172 -7.13 28.21 14.40
CA ALA B 172 -8.00 29.36 14.09
C ALA B 172 -7.28 30.26 13.09
N ASP B 173 -5.96 30.40 13.21
CA ASP B 173 -5.15 31.28 12.32
C ASP B 173 -4.77 30.57 11.01
N GLY B 174 -5.25 29.35 10.76
CA GLY B 174 -5.01 28.68 9.47
C GLY B 174 -3.75 27.85 9.46
N LYS B 175 -2.97 27.87 10.55
CA LYS B 175 -1.83 26.95 10.70
CA LYS B 175 -1.83 26.94 10.69
C LYS B 175 -2.40 25.54 10.93
N ILE B 176 -1.56 24.52 10.75
CA ILE B 176 -1.96 23.11 10.98
C ILE B 176 -1.35 22.66 12.30
N GLY B 177 -2.20 22.20 13.22
CA GLY B 177 -1.81 21.60 14.50
C GLY B 177 -1.60 20.10 14.31
N ILE B 178 -0.59 19.55 14.97
CA ILE B 178 -0.19 18.13 14.90
C ILE B 178 -0.03 17.67 16.34
N PHE B 179 -0.81 16.66 16.76
CA PHE B 179 -0.58 15.88 17.99
C PHE B 179 0.24 14.65 17.65
N THR B 180 1.23 14.38 18.51
CA THR B 180 2.17 13.24 18.32
C THR B 180 2.09 12.43 19.61
N HIS B 181 2.49 11.17 19.54
CA HIS B 181 2.52 10.26 20.72
C HIS B 181 3.88 9.57 20.75
N PHE B 182 4.65 9.86 21.78
CA PHE B 182 5.98 9.25 22.03
C PHE B 182 5.76 8.04 22.94
N ARG B 183 5.99 6.83 22.41
CA ARG B 183 5.80 5.55 23.17
C ARG B 183 6.66 4.42 22.59
N THR B 184 7.86 4.73 22.07
CA THR B 184 8.81 3.74 21.48
C THR B 184 9.87 3.31 22.51
N GLU B 185 9.94 4.00 23.65
CA GLU B 185 11.06 3.87 24.62
C GLU B 185 10.51 3.53 26.01
N GLY B 186 9.25 3.05 26.09
CA GLY B 186 8.57 2.65 27.33
C GLY B 186 7.64 3.73 27.86
N SER B 187 7.87 4.98 27.43
CA SER B 187 7.09 6.18 27.83
C SER B 187 5.74 6.21 27.08
N CYS B 188 4.90 7.21 27.35
CA CYS B 188 3.58 7.44 26.68
CA CYS B 188 3.55 7.42 26.74
C CYS B 188 3.16 8.91 26.84
N LEU B 189 3.83 9.77 26.08
CA LEU B 189 3.81 11.25 26.16
C LEU B 189 3.20 11.86 24.89
N THR B 190 2.48 12.97 25.02
CA THR B 190 1.81 13.60 23.86
C THR B 190 2.61 14.85 23.50
N GLY B 191 2.92 15.04 22.22
CA GLY B 191 3.54 16.28 21.70
C GLY B 191 2.57 17.08 20.84
N PHE B 192 2.87 18.35 20.63
CA PHE B 192 2.09 19.22 19.74
C PHE B 192 3.07 20.15 19.01
N THR B 193 2.84 20.31 17.73
CA THR B 193 3.61 21.27 16.90
C THR B 193 2.69 21.78 15.80
N THR B 194 3.19 22.72 14.99
CA THR B 194 2.40 23.33 13.90
C THR B 194 3.26 23.36 12.65
N ILE B 195 2.60 23.33 11.51
CA ILE B 195 3.20 23.56 10.17
C ILE B 195 2.25 24.48 9.43
N ASP B 196 2.73 25.04 8.32
CA ASP B 196 1.95 26.02 7.52
C ASP B 196 1.15 25.28 6.46
N LYS B 197 1.69 24.19 5.94
CA LYS B 197 1.16 23.51 4.73
C LYS B 197 1.23 22.02 4.95
N VAL B 198 0.27 21.26 4.44
CA VAL B 198 0.22 19.82 4.82
C VAL B 198 1.47 19.08 4.29
N GLU B 199 2.03 19.47 3.15
CA GLU B 199 3.26 18.90 2.53
CA GLU B 199 3.19 18.69 2.64
C GLU B 199 4.46 19.03 3.45
N ASP B 200 4.39 19.91 4.47
CA ASP B 200 5.50 20.10 5.44
C ASP B 200 5.44 19.05 6.55
N LEU B 201 4.47 18.14 6.53
CA LEU B 201 4.37 17.09 7.56
C LEU B 201 5.50 16.08 7.33
N THR B 202 6.56 16.17 8.13
CA THR B 202 7.76 15.30 8.00
C THR B 202 8.03 14.56 9.31
N VAL B 203 8.81 13.50 9.23
CA VAL B 203 9.25 12.75 10.43
CA VAL B 203 9.33 12.74 10.40
C VAL B 203 9.97 13.74 11.37
N GLU B 204 10.75 14.67 10.81
CA GLU B 204 11.60 15.59 11.61
C GLU B 204 10.68 16.53 12.40
N VAL B 205 9.63 17.04 11.77
CA VAL B 205 8.68 17.97 12.42
C VAL B 205 7.97 17.19 13.54
N ILE B 206 7.52 15.98 13.22
CA ILE B 206 6.72 15.17 14.18
C ILE B 206 7.60 14.84 15.39
N ASN B 207 8.81 14.34 15.14
CA ASN B 207 9.75 13.92 16.22
C ASN B 207 10.20 15.09 17.10
N SER B 208 10.08 16.33 16.62
CA SER B 208 10.55 17.52 17.37
C SER B 208 9.39 18.17 18.13
N ALA B 209 8.18 17.61 18.11
CA ALA B 209 7.00 18.28 18.68
C ALA B 209 7.26 18.49 20.18
N LYS B 210 6.94 19.67 20.70
CA LYS B 210 7.11 20.05 22.13
C LYS B 210 6.08 19.25 22.94
N LEU B 211 6.47 18.72 24.11
CA LEU B 211 5.57 17.90 24.96
C LEU B 211 4.46 18.79 25.52
N ILE B 212 3.24 18.26 25.58
CA ILE B 212 2.10 18.94 26.23
C ILE B 212 2.13 18.55 27.71
N ASN B 213 1.36 19.26 28.53
CA ASN B 213 1.13 18.89 29.94
C ASN B 213 0.31 17.59 29.97
N HIS B 214 0.98 16.44 30.03
CA HIS B 214 0.37 15.08 30.02
C HIS B 214 -0.09 14.68 31.42
N ARG B 215 0.17 15.49 32.45
CA ARG B 215 -0.12 15.14 33.87
C ARG B 215 -1.56 14.65 33.99
N PRO B 216 -2.59 15.41 33.53
CA PRO B 216 -3.99 15.00 33.72
C PRO B 216 -4.30 13.58 33.25
N PHE B 217 -3.53 13.03 32.30
CA PHE B 217 -3.82 11.70 31.66
C PHE B 217 -3.52 10.56 32.64
N GLY B 218 -2.85 10.83 33.78
CA GLY B 218 -2.43 9.78 34.74
C GLY B 218 -1.51 8.77 34.08
N ASP B 219 -1.71 7.48 34.34
CA ASP B 219 -0.83 6.40 33.81
C ASP B 219 -1.48 5.76 32.57
N ALA B 220 -2.16 6.58 31.77
CA ALA B 220 -2.87 6.10 30.56
C ALA B 220 -1.93 6.18 29.37
N TRP B 221 -1.89 5.18 28.50
CA TRP B 221 -1.32 5.28 27.14
C TRP B 221 -2.43 5.68 26.14
N GLY B 222 -2.07 6.23 24.98
CA GLY B 222 -3.02 6.62 23.92
C GLY B 222 -2.90 8.09 23.55
N GLY B 223 -3.96 8.66 23.02
CA GLY B 223 -3.94 10.01 22.43
C GLY B 223 -5.21 10.29 21.64
N PRO B 224 -5.26 11.45 20.98
CA PRO B 224 -6.48 11.84 20.26
C PRO B 224 -6.74 10.90 19.09
N SER B 225 -8.02 10.70 18.81
CA SER B 225 -8.57 10.12 17.58
C SER B 225 -9.04 11.23 16.65
N GLN B 226 -9.62 12.27 17.23
CA GLN B 226 -10.21 13.35 16.43
C GLN B 226 -10.02 14.63 17.22
N VAL B 227 -9.56 15.65 16.50
CA VAL B 227 -9.32 16.99 17.11
C VAL B 227 -10.25 17.97 16.41
N TYR B 228 -10.83 18.88 17.21
CA TYR B 228 -11.79 19.90 16.77
C TYR B 228 -11.21 21.27 17.15
N LEU B 229 -11.32 22.22 16.23
CA LEU B 229 -11.14 23.65 16.59
C LEU B 229 -12.43 24.08 17.29
N LEU B 230 -12.30 24.77 18.44
CA LEU B 230 -13.46 25.33 19.16
C LEU B 230 -13.50 26.86 18.91
N SER B 231 -14.66 27.46 19.10
CA SER B 231 -14.94 28.92 18.92
C SER B 231 -14.00 29.76 19.79
N SER B 232 -13.50 29.22 20.89
CA SER B 232 -12.52 29.89 21.79
C SER B 232 -11.12 29.94 21.16
N GLY B 233 -10.87 29.20 20.05
CA GLY B 233 -9.51 29.01 19.54
C GLY B 233 -8.79 27.87 20.22
N LEU B 234 -9.38 27.26 21.25
CA LEU B 234 -8.81 26.06 21.91
C LEU B 234 -9.12 24.84 21.02
N LEU B 235 -8.49 23.70 21.32
CA LEU B 235 -8.71 22.42 20.59
C LEU B 235 -9.45 21.46 21.52
N GLY B 236 -10.57 20.93 21.04
CA GLY B 236 -11.28 19.84 21.71
C GLY B 236 -10.75 18.53 21.16
N CYS B 237 -10.20 17.69 22.02
CA CYS B 237 -9.65 16.37 21.63
C CYS B 237 -10.58 15.27 22.15
N ILE B 238 -11.00 14.40 21.24
CA ILE B 238 -11.68 13.11 21.59
C ILE B 238 -10.57 12.06 21.46
N SER B 239 -10.29 11.37 22.57
CA SER B 239 -9.06 10.59 22.74
C SER B 239 -9.37 9.16 23.18
N HIS B 240 -8.39 8.28 22.94
CA HIS B 240 -8.36 6.87 23.40
C HIS B 240 -7.28 6.75 24.47
N HIS B 241 -7.63 6.35 25.69
CA HIS B 241 -6.65 6.11 26.78
C HIS B 241 -6.86 4.72 27.34
N GLY B 242 -5.77 3.94 27.35
CA GLY B 242 -5.72 2.59 27.93
C GLY B 242 -5.08 2.66 29.30
N TYR B 243 -5.70 1.98 30.26
CA TYR B 243 -5.18 1.76 31.64
C TYR B 243 -4.96 0.24 31.80
N LEU B 244 -3.87 -0.15 32.44
CA LEU B 244 -3.79 -1.46 33.13
C LEU B 244 -4.11 -1.22 34.60
N LEU B 245 -5.21 -1.80 35.09
CA LEU B 245 -5.69 -1.61 36.48
C LEU B 245 -5.36 -2.87 37.29
N ASP B 246 -4.28 -2.81 38.09
CA ASP B 246 -3.94 -3.77 39.18
C ASP B 246 -5.09 -3.81 40.20
N GLN B 252 -4.31 -7.86 36.56
CA GLN B 252 -4.38 -6.57 35.82
C GLN B 252 -5.57 -6.60 34.84
N LEU B 253 -6.39 -5.55 34.80
CA LEU B 253 -7.48 -5.41 33.79
C LEU B 253 -6.99 -4.46 32.69
N ARG B 254 -7.15 -4.84 31.41
CA ARG B 254 -6.93 -3.97 30.21
C ARG B 254 -8.19 -3.14 29.97
N ILE B 255 -8.11 -1.83 30.18
CA ILE B 255 -9.24 -0.91 29.89
C ILE B 255 -8.79 0.03 28.77
N TYR B 256 -9.59 0.15 27.72
CA TYR B 256 -9.45 1.24 26.72
CA TYR B 256 -9.44 1.23 26.72
C TYR B 256 -10.74 2.04 26.78
N ALA B 257 -10.62 3.32 27.17
CA ALA B 257 -11.78 4.18 27.46
C ALA B 257 -11.80 5.31 26.44
N CYS B 258 -13.02 5.77 26.14
CA CYS B 258 -13.27 7.01 25.37
C CYS B 258 -13.07 8.18 26.34
N THR B 259 -12.18 9.10 26.00
CA THR B 259 -11.80 10.25 26.87
C THR B 259 -11.89 11.51 26.03
N SER B 260 -11.85 12.66 26.69
CA SER B 260 -11.79 13.96 25.99
C SER B 260 -10.94 14.90 26.84
N PHE B 261 -10.37 15.90 26.21
CA PHE B 261 -9.71 16.99 26.93
C PHE B 261 -9.69 18.19 26.00
N VAL B 262 -9.42 19.35 26.60
CA VAL B 262 -9.31 20.62 25.84
C VAL B 262 -7.85 21.04 25.93
N PHE B 263 -7.28 21.44 24.80
CA PHE B 263 -5.86 21.80 24.74
C PHE B 263 -5.73 23.25 24.31
N ASP B 264 -4.79 23.97 24.92
CA ASP B 264 -4.50 25.38 24.60
C ASP B 264 -3.21 25.46 23.81
N PRO B 265 -3.25 25.73 22.50
CA PRO B 265 -2.03 25.77 21.69
C PRO B 265 -1.07 26.89 22.13
N ALA B 266 -1.57 27.89 22.87
CA ALA B 266 -0.73 29.04 23.32
C ALA B 266 0.14 28.62 24.51
N THR B 267 -0.36 27.76 25.40
CA THR B 267 0.33 27.44 26.69
C THR B 267 0.74 25.97 26.77
N TYR B 268 0.23 25.11 25.89
CA TYR B 268 0.50 23.65 25.90
C TYR B 268 -0.16 22.99 27.11
N GLU B 269 -1.13 23.67 27.72
CA GLU B 269 -1.88 23.16 28.90
C GLU B 269 -3.05 22.30 28.43
N VAL B 270 -3.42 21.32 29.25
CA VAL B 270 -4.56 20.38 29.05
C VAL B 270 -5.60 20.65 30.12
N TYR B 271 -6.86 20.78 29.75
CA TYR B 271 -7.99 21.08 30.66
C TYR B 271 -9.08 20.00 30.52
N ASN B 272 -9.87 19.79 31.57
CA ASN B 272 -11.19 19.14 31.47
C ASN B 272 -11.01 17.71 30.93
N PHE B 273 -9.93 17.03 31.34
CA PHE B 273 -9.68 15.63 30.95
C PHE B 273 -10.76 14.80 31.60
N LYS B 274 -11.48 14.00 30.83
CA LYS B 274 -12.48 13.11 31.45
C LYS B 274 -12.73 11.88 30.60
N ILE B 275 -13.33 10.89 31.24
CA ILE B 275 -13.86 9.67 30.56
C ILE B 275 -15.26 10.01 30.07
N ILE B 276 -15.61 9.69 28.81
CA ILE B 276 -16.93 10.05 28.25
C ILE B 276 -17.63 8.80 27.70
N GLY B 277 -16.92 7.66 27.68
CA GLY B 277 -17.47 6.39 27.20
C GLY B 277 -16.58 5.22 27.56
N THR B 278 -17.20 4.07 27.78
CA THR B 278 -16.51 2.76 27.95
C THR B 278 -17.26 1.73 27.09
N LYS B 279 -16.63 0.59 26.83
CA LYS B 279 -17.29 -0.45 26.00
C LYS B 279 -18.69 -0.79 26.57
N GLY B 280 -18.83 -0.87 27.89
CA GLY B 280 -20.11 -1.24 28.55
C GLY B 280 -21.22 -0.24 28.27
N CYS B 281 -20.92 0.99 27.78
CA CYS B 281 -21.95 2.00 27.43
C CYS B 281 -22.66 1.61 26.12
N PHE B 282 -21.94 0.90 25.25
CA PHE B 282 -22.42 0.59 23.88
C PHE B 282 -23.28 -0.66 23.96
N PRO B 283 -24.07 -1.01 22.91
CA PRO B 283 -24.78 -2.27 22.94
C PRO B 283 -23.81 -3.43 23.07
N PRO B 284 -24.26 -4.55 23.66
CA PRO B 284 -23.40 -5.71 23.85
C PRO B 284 -22.83 -6.22 22.51
N CYS B 285 -21.59 -6.67 22.53
CA CYS B 285 -21.00 -7.42 21.42
C CYS B 285 -19.79 -8.17 21.94
N GLU B 286 -19.66 -9.43 21.53
CA GLU B 286 -18.56 -10.30 21.98
C GLU B 286 -17.28 -9.70 21.42
N PRO B 287 -16.25 -9.46 22.26
CA PRO B 287 -15.00 -8.87 21.80
C PRO B 287 -14.21 -9.86 20.93
N LYS B 288 -13.19 -9.37 20.24
CA LYS B 288 -12.42 -10.20 19.28
C LYS B 288 -11.78 -11.36 20.06
N LEU B 289 -11.28 -11.07 21.24
CA LEU B 289 -10.85 -12.10 22.22
C LEU B 289 -11.22 -11.58 23.60
N PRO B 290 -11.37 -12.46 24.60
CA PRO B 290 -11.77 -12.05 25.96
C PRO B 290 -10.91 -10.94 26.56
N HIS B 291 -9.63 -10.84 26.22
CA HIS B 291 -8.76 -9.78 26.80
C HIS B 291 -9.20 -8.38 26.29
N LEU B 292 -10.11 -8.29 25.31
CA LEU B 292 -10.59 -6.96 24.82
C LEU B 292 -12.03 -6.69 25.27
N ALA B 293 -12.49 -7.34 26.33
CA ALA B 293 -13.87 -7.23 26.87
C ALA B 293 -14.14 -5.82 27.42
N ASP B 294 -13.13 -5.00 27.67
CA ASP B 294 -13.32 -3.61 28.16
C ASP B 294 -12.50 -2.67 27.30
N CYS B 295 -12.48 -2.91 25.99
CA CYS B 295 -11.72 -2.09 25.01
CA CYS B 295 -11.71 -2.08 25.03
C CYS B 295 -12.70 -1.35 24.10
N ALA B 296 -12.70 -0.03 24.20
CA ALA B 296 -13.35 0.88 23.23
C ALA B 296 -12.22 1.76 22.68
N PHE B 297 -12.10 1.82 21.35
CA PHE B 297 -11.11 2.70 20.66
C PHE B 297 -11.89 3.80 19.95
N VAL B 298 -11.84 5.00 20.52
CA VAL B 298 -12.80 6.06 20.13
C VAL B 298 -12.54 6.46 18.67
N SER B 299 -13.56 6.96 17.99
CA SER B 299 -13.47 7.48 16.60
C SER B 299 -13.61 9.00 16.62
N GLY B 300 -14.60 9.52 17.38
CA GLY B 300 -14.82 10.95 17.55
C GLY B 300 -16.29 11.27 17.72
N ILE B 301 -16.63 12.56 17.72
CA ILE B 301 -18.04 13.00 17.93
C ILE B 301 -18.58 13.68 16.68
N GLU B 302 -19.90 13.60 16.58
CA GLU B 302 -20.73 14.24 15.56
C GLU B 302 -21.78 15.03 16.32
N MET B 303 -21.81 16.36 16.17
CA MET B 303 -22.86 17.20 16.84
C MET B 303 -24.24 16.82 16.28
N ARG B 304 -25.24 16.85 17.15
CA ARG B 304 -26.67 16.75 16.78
C ARG B 304 -27.32 18.14 16.85
N ASN B 305 -28.43 18.34 16.14
CA ASN B 305 -29.22 19.62 16.18
C ASN B 305 -29.53 19.99 17.65
N ASP B 306 -29.86 19.01 18.50
CA ASP B 306 -30.27 19.23 19.91
C ASP B 306 -29.10 19.61 20.83
N GLY B 307 -27.86 19.73 20.33
CA GLY B 307 -26.69 20.11 21.15
C GLY B 307 -26.05 18.94 21.91
N LYS B 308 -26.63 17.74 21.81
CA LYS B 308 -25.97 16.50 22.27
C LYS B 308 -25.05 16.03 21.13
N CYS B 309 -24.34 14.93 21.31
CA CYS B 309 -23.48 14.44 20.20
CA CYS B 309 -23.30 14.40 20.38
C CYS B 309 -23.50 12.92 20.17
N ASN B 310 -23.20 12.41 18.98
CA ASN B 310 -22.97 10.97 18.73
C ASN B 310 -21.49 10.73 18.98
N LEU B 311 -21.16 9.95 19.99
CA LEU B 311 -19.76 9.49 20.24
C LEU B 311 -19.58 8.16 19.51
N TYR B 312 -18.84 8.19 18.41
CA TYR B 312 -18.48 6.97 17.63
C TYR B 312 -17.23 6.33 18.20
N SER B 313 -17.29 5.01 18.36
CA SER B 313 -16.15 4.22 18.88
C SER B 313 -16.10 2.85 18.22
N GLY B 314 -14.91 2.37 17.92
CA GLY B 314 -14.64 0.94 17.81
C GLY B 314 -14.89 0.30 19.14
N ILE B 315 -15.45 -0.91 19.15
CA ILE B 315 -15.70 -1.64 20.42
C ILE B 315 -15.30 -3.11 20.27
N GLY B 316 -14.49 -3.59 21.21
CA GLY B 316 -14.04 -4.98 21.30
C GLY B 316 -13.17 -5.42 20.12
N ASP B 317 -12.64 -4.49 19.32
CA ASP B 317 -12.00 -4.75 18.01
C ASP B 317 -12.91 -5.61 17.11
N VAL B 318 -14.24 -5.44 17.18
CA VAL B 318 -15.19 -6.24 16.34
C VAL B 318 -16.25 -5.36 15.67
N ALA B 319 -16.54 -4.17 16.19
CA ALA B 319 -17.68 -3.40 15.73
C ALA B 319 -17.42 -1.91 15.91
N GLU B 320 -18.29 -1.13 15.29
CA GLU B 320 -18.35 0.34 15.46
C GLU B 320 -19.74 0.65 16.00
N GLY B 321 -19.80 1.40 17.08
CA GLY B 321 -21.07 1.88 17.65
C GLY B 321 -20.99 3.36 17.90
N TYR B 322 -22.10 3.95 18.35
CA TYR B 322 -22.11 5.28 18.95
C TYR B 322 -23.04 5.28 20.17
N ILE B 323 -22.73 6.16 21.12
CA ILE B 323 -23.60 6.50 22.28
C ILE B 323 -23.91 7.99 22.14
N VAL B 324 -25.12 8.37 22.51
CA VAL B 324 -25.55 9.79 22.49
C VAL B 324 -25.21 10.36 23.87
N ILE B 325 -24.30 11.32 23.93
CA ILE B 325 -23.80 11.93 25.18
C ILE B 325 -23.94 13.47 25.13
N ASP B 326 -23.79 14.09 26.29
CA ASP B 326 -23.69 15.57 26.40
C ASP B 326 -22.40 16.01 25.72
N TYR B 327 -22.44 17.21 25.14
CA TYR B 327 -21.26 17.89 24.55
C TYR B 327 -20.11 17.88 25.54
N PRO B 328 -18.99 17.17 25.26
CA PRO B 328 -17.90 17.05 26.22
C PRO B 328 -17.02 18.29 26.44
N PHE B 329 -17.10 19.30 25.57
CA PHE B 329 -16.26 20.53 25.65
C PHE B 329 -17.13 21.71 26.14
N GLU B 330 -18.27 21.43 26.74
CA GLU B 330 -19.19 22.47 27.30
C GLU B 330 -18.38 23.46 28.17
N GLY B 331 -18.47 24.75 27.87
CA GLY B 331 -17.76 25.82 28.59
C GLY B 331 -16.46 26.23 27.91
N TYR B 332 -16.02 25.55 26.84
CA TYR B 332 -14.73 25.86 26.15
C TYR B 332 -14.99 26.33 24.72
N GLY B 333 -16.25 26.48 24.34
CA GLY B 333 -16.66 26.89 22.99
C GLY B 333 -17.34 25.77 22.22
N LYS B 334 -18.01 26.14 21.13
CA LYS B 334 -18.67 25.21 20.19
C LYS B 334 -17.65 24.76 19.15
N ILE B 335 -17.87 23.60 18.55
CA ILE B 335 -16.99 23.11 17.46
C ILE B 335 -17.17 24.04 16.26
N VAL B 336 -16.08 24.54 15.70
CA VAL B 336 -16.11 25.36 14.45
C VAL B 336 -15.44 24.64 13.28
N SER B 337 -14.66 23.59 13.54
CA SER B 337 -14.18 22.71 12.45
CA SER B 337 -14.17 22.60 12.55
C SER B 337 -15.36 21.87 11.93
N ASP B 338 -15.26 21.42 10.68
CA ASP B 338 -16.23 20.44 10.12
C ASP B 338 -15.50 19.45 9.21
N VAL B 339 -16.22 18.41 8.82
CA VAL B 339 -15.74 17.44 7.79
C VAL B 339 -16.78 17.42 6.66
N ALA B 340 -17.24 18.61 6.25
CA ALA B 340 -18.15 18.81 5.10
C ALA B 340 -17.28 19.08 3.87
N PHE B 341 -17.01 18.04 3.08
CA PHE B 341 -16.15 18.11 1.88
C PHE B 341 -17.02 18.33 0.65
C1 BMA C . 12.07 0.97 -12.82
C2 BMA C . 10.85 0.79 -11.97
C3 BMA C . 9.67 0.62 -12.93
C4 BMA C . 9.63 1.67 -14.05
C5 BMA C . 10.99 1.90 -14.69
C6 BMA C . 11.00 3.11 -15.62
O1 BMA C . 13.10 1.14 -11.89
O2 BMA C . 10.68 1.92 -11.08
O3 BMA C . 8.49 0.72 -12.17
O4 BMA C . 8.76 1.23 -15.10
O5 BMA C . 11.98 2.11 -13.66
O6 BMA C . 10.56 4.29 -14.95
C1 MAN D . -3.49 3.57 -20.62
C2 MAN D . -4.96 3.11 -20.43
C3 MAN D . -5.30 1.92 -21.33
C4 MAN D . -4.86 2.27 -22.76
C5 MAN D . -3.39 2.73 -22.84
C6 MAN D . -2.87 3.14 -24.23
O1 MAN D . -2.59 2.56 -20.12
O2 MAN D . -5.84 4.20 -20.74
O3 MAN D . -6.71 1.58 -21.25
O4 MAN D . -5.12 1.16 -23.65
O5 MAN D . -3.22 3.89 -21.99
O6 MAN D . -3.89 3.89 -24.92
C1 BMA E . -1.69 -3.22 18.01
C2 BMA E . -3.20 -2.98 17.81
C3 BMA E . -3.66 -3.80 16.61
C4 BMA E . -2.75 -3.71 15.38
C5 BMA E . -1.23 -3.83 15.70
C6 BMA E . -0.37 -3.34 14.53
O1 BMA E . -1.13 -2.35 18.99
O2 BMA E . -3.62 -1.59 17.61
O3 BMA E . -4.91 -3.30 16.23
O4 BMA E . -3.15 -4.74 14.46
O5 BMA E . -0.93 -3.02 16.81
O6 BMA E . -0.64 -1.93 14.32
C1 MAN F . -1.60 -3.57 18.05
C2 MAN F . -3.10 -3.34 17.77
C3 MAN F . -3.56 -4.15 16.57
C4 MAN F . -2.64 -3.89 15.37
C5 MAN F . -1.12 -3.98 15.68
C6 MAN F . -0.24 -3.35 14.59
O1 MAN F . -1.33 -4.92 18.43
O2 MAN F . -3.46 -1.96 17.51
O3 MAN F . -4.91 -3.77 16.24
O4 MAN F . -3.02 -4.83 14.36
O5 MAN F . -0.77 -3.30 16.89
O6 MAN F . -0.58 -1.95 14.37
C1 MAN G . -19.28 -6.41 12.48
C2 MAN G . -19.92 -6.19 11.07
C3 MAN G . -21.16 -5.27 11.17
C4 MAN G . -22.11 -5.77 12.26
C5 MAN G . -21.41 -5.85 13.60
C6 MAN G . -22.46 -6.49 14.53
O1 MAN G . -18.56 -5.23 12.82
O2 MAN G . -20.23 -7.48 10.51
O3 MAN G . -21.83 -5.15 9.89
O4 MAN G . -23.26 -4.90 12.50
O5 MAN G . -20.22 -6.67 13.55
O6 MAN G . -21.90 -6.64 15.80
#